data_1EFW
#
_entry.id   1EFW
#
_cell.length_a   251.450
_cell.length_b   251.450
_cell.length_c   88.700
_cell.angle_alpha   90.00
_cell.angle_beta   90.00
_cell.angle_gamma   120.00
#
_symmetry.space_group_name_H-M   'P 63'
#
loop_
_entity.id
_entity.type
_entity.pdbx_description
1 polymer ASPARTYL-TRNA
2 polymer 'ASPARTYL-TRNA SYNTHETASE'
3 water water
#
loop_
_entity_poly.entity_id
_entity_poly.type
_entity_poly.pdbx_seq_one_letter_code
_entity_poly.pdbx_strand_id
1 'polyribonucleotide'
;GGAGCGG(4SU)AGUUCAG(H2U)CGG(H2U)(H2U)AGAAUACCUGCCU(QUO)UC(2MA)CGCAGGGG(G7M)UCGCG
GG(5MU)(PSU)CGAGUCCCG(PSU)CCGUUCC
;
C,D
2 'polypeptide(L)'
;MRRTHYAGSLRETHVGEEVVLEGWVNRRRDLGGLIFLDLRDREGLVQLVAHPASPAYATAERVRPEWVVRAKGLVRLRPE
PNPRLATGRVEVELSALEVLAEAKTPPFPVDAGWRGEEEKEASEELRLKYRYLDLRRRRMQENLRLRHRVIKAIWDFLDR
EGFVQVETPFLTKSTPEGARDFLVPYRHEPGLFYALPQSPQLFKQMLMVAGLDRYFQIARCFRDEDLRADRQPDFTQLDL
EMSFVEVEDVLELNERLMAHVFREALGVELPLPFPRLSYEEAMERYGSDKPDLRFGLELKEVGPLFRQSGFRVFQEAESV
KALALPKALSRKEVAELEEVAKRHKAQGLAWARVEEGGFSGGVAKFLEPVREALLQATEARPGDTLLFVAGPRKVAATAL
GAVRLRAADLLGLKREGFRFLWVVDFPLLEWDEEEEAWTYMHHPFTSPHPEDLPLLEKDPGRVRALAYDLVLNGVEVGGG
SIRIHDPRLQARVFRLLGIGEEEQREKFGFFLEALEYGAPPHGGIAWGLDRLLALMTGSPSIREVIAFPKNKEGKDPLTG
APSPVPEEQLRELGLMVVRP
;
A,B
#
# COMPACT_ATOMS: atom_id res chain seq x y z
N MET C 1 34.92 -4.10 -5.16
CA MET C 1 33.63 -4.39 -5.86
C MET C 1 32.39 -3.73 -5.23
N ARG C 2 32.51 -3.24 -4.00
CA ARG C 2 31.41 -2.56 -3.29
C ARG C 2 31.63 -1.07 -3.55
N ARG C 3 30.57 -0.33 -3.91
CA ARG C 3 30.74 1.10 -4.12
C ARG C 3 31.22 1.67 -2.78
N THR C 4 31.52 2.95 -2.74
CA THR C 4 32.00 3.55 -1.51
C THR C 4 31.39 4.92 -1.32
N HIS C 5 30.70 5.37 -2.36
CA HIS C 5 30.05 6.67 -2.37
C HIS C 5 29.09 6.66 -3.54
N TYR C 6 27.98 7.38 -3.43
CA TYR C 6 27.14 7.41 -4.61
C TYR C 6 27.96 8.34 -5.51
N ALA C 7 28.21 7.92 -6.74
CA ALA C 7 28.99 8.72 -7.66
C ALA C 7 28.60 10.19 -7.62
N GLY C 8 27.30 10.45 -7.69
CA GLY C 8 26.83 11.83 -7.70
C GLY C 8 26.94 12.67 -6.44
N SER C 9 27.51 12.14 -5.36
CA SER C 9 27.60 12.90 -4.11
C SER C 9 29.02 13.23 -3.65
N LEU C 10 30.01 12.92 -4.50
CA LEU C 10 31.41 13.22 -4.18
C LEU C 10 31.54 14.73 -4.11
N ARG C 11 32.50 15.19 -3.34
CA ARG C 11 32.66 16.61 -3.19
C ARG C 11 34.09 17.00 -2.87
N GLU C 12 34.34 18.32 -2.89
CA GLU C 12 35.65 18.86 -2.59
C GLU C 12 36.21 18.14 -1.38
N THR C 13 35.31 17.83 -0.46
CA THR C 13 35.68 17.14 0.76
C THR C 13 36.25 15.75 0.57
N HIS C 14 36.08 15.18 -0.62
CA HIS C 14 36.59 13.82 -0.86
C HIS C 14 37.94 13.81 -1.57
N VAL C 15 38.39 14.99 -1.96
CA VAL C 15 39.66 15.12 -2.62
C VAL C 15 40.75 14.37 -1.88
N GLY C 16 41.48 13.54 -2.60
CA GLY C 16 42.54 12.76 -2.00
C GLY C 16 42.09 11.35 -1.72
N GLU C 17 40.79 11.18 -1.54
CA GLU C 17 40.26 9.86 -1.24
C GLU C 17 40.25 8.86 -2.39
N GLU C 18 40.76 7.66 -2.11
CA GLU C 18 40.77 6.56 -3.05
C GLU C 18 39.28 6.21 -3.11
N VAL C 19 38.75 5.92 -4.28
CA VAL C 19 37.31 5.71 -4.35
C VAL C 19 36.86 4.58 -5.28
N VAL C 20 35.65 4.07 -5.07
CA VAL C 20 35.15 3.04 -5.96
C VAL C 20 33.71 3.39 -6.25
N LEU C 21 33.40 3.57 -7.54
CA LEU C 21 32.08 3.96 -7.98
C LEU C 21 31.40 2.93 -8.86
N GLU C 22 30.08 3.00 -8.87
CA GLU C 22 29.27 2.08 -9.65
C GLU C 22 28.08 2.84 -10.20
N GLY C 23 27.96 2.84 -11.52
CA GLY C 23 26.86 3.55 -12.15
C GLY C 23 26.74 3.47 -13.66
N TRP C 24 26.03 4.46 -14.20
CA TRP C 24 25.77 4.56 -15.62
C TRP C 24 26.58 5.67 -16.31
N VAL C 25 27.17 5.31 -17.44
CA VAL C 25 27.96 6.24 -18.25
C VAL C 25 27.01 7.18 -18.97
N ASN C 26 27.01 8.44 -18.52
CA ASN C 26 26.15 9.50 -19.05
C ASN C 26 26.55 9.89 -20.44
N ARG C 27 27.80 10.32 -20.55
CA ARG C 27 28.37 10.74 -21.81
C ARG C 27 29.86 10.56 -21.74
N ARG C 28 30.47 10.46 -22.92
CA ARG C 28 31.90 10.30 -22.97
C ARG C 28 32.46 11.43 -23.79
N ARG C 29 33.70 11.79 -23.49
CA ARG C 29 34.35 12.83 -24.25
C ARG C 29 35.76 12.34 -24.41
N ASP C 30 35.98 11.76 -25.59
CA ASP C 30 37.27 11.18 -25.93
C ASP C 30 38.19 12.15 -26.68
N LEU C 31 38.93 12.98 -25.96
CA LEU C 31 39.82 13.92 -26.59
C LEU C 31 41.02 13.25 -27.27
N GLY C 32 41.06 11.93 -27.22
CA GLY C 32 42.14 11.21 -27.85
C GLY C 32 43.18 10.74 -26.84
N GLY C 33 44.07 11.65 -26.46
CA GLY C 33 45.10 11.30 -25.50
C GLY C 33 44.59 11.52 -24.08
N LEU C 34 43.28 11.73 -23.99
CA LEU C 34 42.60 11.96 -22.72
C LEU C 34 41.15 11.55 -22.89
N ILE C 35 40.54 11.03 -21.83
CA ILE C 35 39.13 10.66 -21.90
C ILE C 35 38.40 11.01 -20.62
N PHE C 36 37.31 11.73 -20.82
CA PHE C 36 36.46 12.16 -19.73
C PHE C 36 35.17 11.34 -19.78
N LEU C 37 34.70 10.91 -18.62
CA LEU C 37 33.46 10.16 -18.53
C LEU C 37 32.57 10.73 -17.44
N ASP C 38 31.34 11.04 -17.80
CA ASP C 38 30.36 11.56 -16.86
C ASP C 38 29.67 10.33 -16.26
N LEU C 39 30.14 9.88 -15.10
CA LEU C 39 29.61 8.70 -14.41
C LEU C 39 28.36 9.09 -13.65
N ARG C 40 27.32 8.26 -13.76
CA ARG C 40 26.07 8.59 -13.10
C ARG C 40 25.33 7.51 -12.31
N ASP C 41 24.68 7.98 -11.26
CA ASP C 41 23.85 7.20 -10.36
C ASP C 41 22.81 8.18 -9.80
N ARG C 42 21.79 7.64 -9.12
CA ARG C 42 20.69 8.42 -8.54
C ARG C 42 21.08 9.73 -7.86
N GLU C 43 22.33 9.87 -7.45
CA GLU C 43 22.76 11.08 -6.75
C GLU C 43 23.49 12.15 -7.56
N GLY C 44 23.74 11.90 -8.84
CA GLY C 44 24.41 12.90 -9.64
C GLY C 44 25.40 12.34 -10.63
N LEU C 45 26.17 13.26 -11.24
CA LEU C 45 27.19 12.88 -12.21
C LEU C 45 28.51 13.29 -11.60
N VAL C 46 29.51 12.42 -11.71
CA VAL C 46 30.86 12.75 -11.27
C VAL C 46 31.51 12.62 -12.59
N GLN C 47 32.66 13.24 -12.75
CA GLN C 47 33.38 13.11 -13.98
C GLN C 47 34.55 12.19 -13.68
N LEU C 48 34.70 11.15 -14.50
CA LEU C 48 35.82 10.22 -14.37
C LEU C 48 36.82 10.73 -15.40
N VAL C 49 38.12 10.57 -15.13
CA VAL C 49 39.13 11.06 -16.06
C VAL C 49 40.15 9.94 -16.34
N ALA C 50 40.39 9.65 -17.62
CA ALA C 50 41.33 8.58 -17.98
C ALA C 50 42.55 9.08 -18.73
N HIS C 51 43.71 8.58 -18.31
CA HIS C 51 45.00 8.92 -18.92
C HIS C 51 45.54 7.63 -19.55
N PRO C 52 46.15 7.73 -20.75
CA PRO C 52 46.72 6.62 -21.52
C PRO C 52 47.53 5.62 -20.72
N ALA C 53 48.19 6.09 -19.66
CA ALA C 53 49.02 5.23 -18.85
C ALA C 53 48.22 4.23 -18.01
N SER C 54 47.04 4.66 -17.58
CA SER C 54 46.19 3.83 -16.74
C SER C 54 45.40 2.77 -17.44
N PRO C 55 45.25 1.62 -16.77
CA PRO C 55 44.50 0.47 -17.27
C PRO C 55 43.03 0.83 -17.50
N ALA C 56 42.60 1.93 -16.88
CA ALA C 56 41.24 2.41 -17.03
C ALA C 56 41.04 2.92 -18.46
N TYR C 57 42.07 3.59 -18.97
CA TYR C 57 42.10 4.19 -20.29
C TYR C 57 41.56 3.29 -21.40
N ALA C 58 42.13 2.10 -21.54
CA ALA C 58 41.70 1.19 -22.58
C ALA C 58 40.19 0.92 -22.52
N THR C 59 39.66 0.71 -21.32
CA THR C 59 38.24 0.43 -21.17
C THR C 59 37.48 1.71 -21.38
N ALA C 60 38.03 2.81 -20.88
CA ALA C 60 37.37 4.10 -21.02
C ALA C 60 37.12 4.51 -22.47
N GLU C 61 37.70 3.79 -23.42
CA GLU C 61 37.51 4.09 -24.84
C GLU C 61 36.26 3.40 -25.37
N ARG C 62 36.21 2.08 -25.22
CA ARG C 62 35.08 1.32 -25.72
C ARG C 62 33.75 1.49 -24.99
N VAL C 63 33.80 2.08 -23.80
CA VAL C 63 32.60 2.35 -23.00
C VAL C 63 31.66 3.24 -23.80
N ARG C 64 30.37 3.15 -23.54
CA ARG C 64 29.40 4.00 -24.23
C ARG C 64 28.29 4.48 -23.31
N PRO C 65 27.42 5.36 -23.80
CA PRO C 65 26.34 5.79 -22.91
C PRO C 65 25.44 4.68 -22.41
N GLU C 66 24.88 4.92 -21.22
CA GLU C 66 24.00 3.97 -20.58
C GLU C 66 24.70 2.65 -20.32
N TRP C 67 26.03 2.66 -20.33
CA TRP C 67 26.79 1.46 -20.05
C TRP C 67 26.92 1.46 -18.53
N VAL C 68 26.85 0.27 -17.90
CA VAL C 68 27.00 0.22 -16.44
C VAL C 68 28.48 -0.08 -16.18
N VAL C 69 29.09 0.73 -15.33
CA VAL C 69 30.52 0.59 -15.05
C VAL C 69 30.87 0.69 -13.58
N ARG C 70 31.97 0.04 -13.19
CA ARG C 70 32.45 0.16 -11.83
C ARG C 70 33.78 0.85 -12.00
N ALA C 71 33.91 2.02 -11.40
CA ALA C 71 35.14 2.79 -11.51
C ALA C 71 35.86 2.97 -10.21
N LYS C 72 37.16 2.66 -10.22
CA LYS C 72 37.98 2.85 -9.04
C LYS C 72 38.88 4.00 -9.47
N GLY C 73 39.03 4.99 -8.60
CA GLY C 73 39.85 6.12 -8.94
C GLY C 73 40.24 6.93 -7.72
N LEU C 74 40.76 8.11 -7.98
CA LEU C 74 41.21 8.97 -6.92
C LEU C 74 40.61 10.35 -7.10
N VAL C 75 39.82 10.75 -6.11
CA VAL C 75 39.17 12.04 -6.14
C VAL C 75 40.24 13.10 -6.15
N ARG C 76 40.17 13.98 -7.14
CA ARG C 76 41.12 15.07 -7.26
C ARG C 76 40.34 16.29 -7.61
N LEU C 77 40.85 17.44 -7.20
CA LEU C 77 40.19 18.70 -7.47
C LEU C 77 40.41 19.11 -8.93
N ARG C 78 39.31 19.42 -9.63
CA ARG C 78 39.38 19.80 -11.04
C ARG C 78 40.13 21.11 -11.27
N PRO C 79 40.96 21.16 -12.33
CA PRO C 79 41.75 22.34 -12.70
C PRO C 79 40.77 23.48 -12.99
N GLU C 80 39.73 23.15 -13.74
CA GLU C 80 38.69 24.11 -14.08
C GLU C 80 37.33 23.43 -13.89
N PRO C 81 36.65 23.77 -12.80
CA PRO C 81 35.34 23.24 -12.45
C PRO C 81 34.22 23.43 -13.44
N ASN C 82 33.20 22.59 -13.30
CA ASN C 82 32.01 22.71 -14.12
C ASN C 82 30.98 23.31 -13.20
N PRO C 83 30.80 24.63 -13.28
CA PRO C 83 29.82 25.30 -12.44
C PRO C 83 28.39 24.77 -12.44
N ARG C 84 27.97 24.06 -13.47
CA ARG C 84 26.60 23.55 -13.44
C ARG C 84 26.42 22.22 -12.70
N LEU C 85 27.54 21.63 -12.27
CA LEU C 85 27.49 20.35 -11.58
C LEU C 85 27.87 20.39 -10.10
N ALA C 86 27.06 19.69 -9.28
CA ALA C 86 27.26 19.64 -7.84
C ALA C 86 28.61 19.04 -7.49
N THR C 87 29.10 18.16 -8.35
CA THR C 87 30.39 17.49 -8.18
C THR C 87 31.37 18.15 -9.15
N GLY C 88 30.98 19.32 -9.65
CA GLY C 88 31.77 20.04 -10.62
C GLY C 88 33.15 20.59 -10.24
N ARG C 89 33.53 20.57 -8.97
CA ARG C 89 34.85 21.08 -8.60
C ARG C 89 35.80 19.92 -8.46
N VAL C 90 35.30 18.74 -8.75
CA VAL C 90 36.10 17.55 -8.59
C VAL C 90 35.88 16.49 -9.65
N GLU C 91 36.77 15.51 -9.62
CA GLU C 91 36.70 14.39 -10.53
C GLU C 91 37.57 13.24 -10.04
N VAL C 92 37.43 12.09 -10.67
CA VAL C 92 38.22 10.92 -10.29
C VAL C 92 39.20 10.50 -11.37
N GLU C 93 40.43 10.22 -10.94
CA GLU C 93 41.50 9.80 -11.83
C GLU C 93 41.47 8.27 -11.88
N LEU C 94 40.61 7.74 -12.74
CA LEU C 94 40.43 6.30 -12.86
C LEU C 94 41.65 5.41 -12.69
N SER C 95 41.67 4.62 -11.62
CA SER C 95 42.76 3.69 -11.38
C SER C 95 42.30 2.49 -12.17
N ALA C 96 41.00 2.41 -12.37
CA ALA C 96 40.40 1.30 -13.11
C ALA C 96 38.97 1.62 -13.53
N LEU C 97 38.50 0.90 -14.55
CA LEU C 97 37.15 1.04 -15.08
C LEU C 97 36.78 -0.32 -15.62
N GLU C 98 35.63 -0.84 -15.20
CA GLU C 98 35.18 -2.16 -15.65
C GLU C 98 33.71 -2.18 -16.13
N VAL C 99 33.46 -2.79 -17.29
CA VAL C 99 32.09 -2.86 -17.83
C VAL C 99 31.25 -3.89 -17.07
N LEU C 100 30.23 -3.42 -16.36
CA LEU C 100 29.35 -4.33 -15.63
C LEU C 100 28.27 -4.77 -16.61
N ALA C 101 28.00 -3.94 -17.61
CA ALA C 101 27.01 -4.26 -18.63
C ALA C 101 26.94 -3.21 -19.74
N GLU C 102 27.10 -3.68 -20.97
CA GLU C 102 27.02 -2.79 -22.11
C GLU C 102 25.56 -2.44 -22.27
N ALA C 103 25.28 -1.48 -23.15
CA ALA C 103 23.90 -1.07 -23.35
C ALA C 103 23.73 -0.48 -24.72
N LYS C 104 22.65 -0.87 -25.38
CA LYS C 104 22.40 -0.35 -26.70
C LYS C 104 21.82 1.04 -26.51
N THR C 105 21.83 1.83 -27.58
CA THR C 105 21.34 3.19 -27.49
C THR C 105 19.87 3.25 -27.14
N PRO C 106 19.54 4.11 -26.16
CA PRO C 106 18.17 4.30 -25.69
C PRO C 106 17.30 4.90 -26.77
N PRO C 107 16.03 4.49 -26.84
CA PRO C 107 15.12 5.03 -27.84
C PRO C 107 15.00 6.54 -27.68
N PHE C 108 15.31 7.04 -26.48
CA PHE C 108 15.31 8.49 -26.21
C PHE C 108 16.43 8.76 -25.22
N PRO C 109 16.94 10.00 -25.17
CA PRO C 109 18.02 10.20 -24.21
C PRO C 109 17.54 10.32 -22.78
N VAL C 110 18.47 10.18 -21.86
CA VAL C 110 18.16 10.25 -20.45
C VAL C 110 19.28 10.94 -19.75
N ASP C 111 19.95 11.88 -20.40
CA ASP C 111 21.09 12.48 -19.73
C ASP C 111 21.17 13.98 -19.47
N ALA C 112 20.53 14.78 -20.33
CA ALA C 112 20.57 16.23 -20.16
C ALA C 112 20.27 16.69 -18.72
N GLY C 113 19.10 16.25 -18.22
CA GLY C 113 18.68 16.61 -16.88
C GLY C 113 19.70 16.40 -15.79
N TRP C 114 20.54 15.39 -15.95
CA TRP C 114 21.57 15.10 -14.96
C TRP C 114 22.68 16.13 -14.94
N ARG C 115 22.69 16.98 -15.97
CA ARG C 115 23.65 18.09 -16.13
C ARG C 115 22.92 19.36 -15.77
N GLY C 116 21.60 19.25 -15.61
CA GLY C 116 20.81 20.41 -15.27
C GLY C 116 20.20 21.09 -16.48
N GLU C 117 20.22 20.42 -17.63
CA GLU C 117 19.66 20.98 -18.85
C GLU C 117 18.18 20.68 -18.99
N GLU C 118 17.44 21.58 -19.63
CA GLU C 118 16.02 21.34 -19.82
C GLU C 118 15.79 20.06 -20.60
N GLU C 119 15.50 18.99 -19.86
CA GLU C 119 15.26 17.74 -20.52
C GLU C 119 14.22 18.04 -21.59
N LYS C 120 14.31 17.27 -22.66
CA LYS C 120 13.45 17.34 -23.83
C LYS C 120 12.14 16.63 -23.45
N GLU C 121 11.25 16.39 -24.40
CA GLU C 121 10.00 15.72 -24.05
C GLU C 121 9.67 14.58 -24.99
N ALA C 122 10.27 13.40 -24.77
CA ALA C 122 9.97 12.28 -25.65
C ALA C 122 8.47 12.05 -25.62
N SER C 123 7.91 11.60 -26.73
CA SER C 123 6.48 11.38 -26.75
C SER C 123 6.09 10.44 -25.61
N GLU C 124 4.96 10.73 -24.99
CA GLU C 124 4.45 9.93 -23.89
C GLU C 124 4.35 8.47 -24.27
N GLU C 125 3.94 8.21 -25.50
CA GLU C 125 3.79 6.84 -25.93
C GLU C 125 5.13 6.12 -26.04
N LEU C 126 6.22 6.89 -25.98
CA LEU C 126 7.58 6.31 -26.05
C LEU C 126 8.06 6.08 -24.62
N ARG C 127 7.80 7.07 -23.76
CA ARG C 127 8.20 6.99 -22.36
C ARG C 127 7.46 5.85 -21.69
N LEU C 128 6.17 5.75 -21.97
CA LEU C 128 5.41 4.68 -21.37
C LEU C 128 6.01 3.33 -21.75
N LYS C 129 6.14 3.08 -23.05
CA LYS C 129 6.69 1.83 -23.57
C LYS C 129 8.12 1.47 -23.17
N TYR C 130 8.86 2.43 -22.62
CA TYR C 130 10.22 2.17 -22.17
C TYR C 130 10.37 2.76 -20.80
N ARG C 131 9.25 2.91 -20.13
CA ARG C 131 9.22 3.48 -18.79
C ARG C 131 10.47 3.27 -17.94
N TYR C 132 11.13 2.13 -18.08
CA TYR C 132 12.32 1.88 -17.28
C TYR C 132 13.47 2.78 -17.69
N LEU C 133 13.49 3.16 -18.96
CA LEU C 133 14.55 4.05 -19.41
C LEU C 133 14.11 5.47 -19.10
N ASP C 134 12.80 5.70 -19.18
CA ASP C 134 12.26 7.03 -18.86
C ASP C 134 12.53 7.35 -17.42
N LEU C 135 12.50 6.34 -16.56
CA LEU C 135 12.74 6.59 -15.16
C LEU C 135 14.22 6.79 -14.82
N ARG C 136 15.10 6.75 -15.83
CA ARG C 136 16.53 7.01 -15.58
C ARG C 136 16.70 8.50 -15.52
N ARG C 137 15.68 9.18 -16.04
CA ARG C 137 15.69 10.62 -16.08
C ARG C 137 15.72 11.20 -14.70
N ARG C 138 16.14 12.44 -14.64
CA ARG C 138 16.24 13.11 -13.37
C ARG C 138 14.88 13.58 -12.85
N ARG C 139 14.02 14.10 -13.71
CA ARG C 139 12.74 14.56 -13.18
C ARG C 139 11.92 13.41 -12.63
N MET C 140 11.87 12.31 -13.36
CA MET C 140 11.10 11.17 -12.87
C MET C 140 11.67 10.77 -11.51
N GLN C 141 12.92 10.34 -11.44
CA GLN C 141 13.46 9.98 -10.15
C GLN C 141 13.10 11.04 -9.11
N GLU C 142 13.25 12.31 -9.47
CA GLU C 142 12.93 13.39 -8.53
C GLU C 142 11.49 13.37 -8.10
N ASN C 143 10.59 13.00 -8.98
CA ASN C 143 9.19 12.96 -8.58
C ASN C 143 9.00 11.70 -7.76
N LEU C 144 9.35 10.55 -8.34
CA LEU C 144 9.22 9.28 -7.64
C LEU C 144 9.69 9.41 -6.21
N ARG C 145 10.75 10.19 -6.02
CA ARG C 145 11.30 10.40 -4.70
C ARG C 145 10.61 11.51 -3.90
N LEU C 146 10.00 12.46 -4.58
CA LEU C 146 9.30 13.49 -3.83
C LEU C 146 8.17 12.69 -3.21
N ARG C 147 7.63 11.78 -4.01
CA ARG C 147 6.55 10.91 -3.58
C ARG C 147 6.96 10.20 -2.29
N HIS C 148 8.07 9.47 -2.34
CA HIS C 148 8.54 8.79 -1.15
C HIS C 148 8.59 9.76 0.02
N ARG C 149 9.45 10.77 -0.06
CA ARG C 149 9.56 11.77 1.01
C ARG C 149 8.17 12.18 1.52
N VAL C 150 7.24 12.44 0.59
CA VAL C 150 5.86 12.86 0.92
C VAL C 150 5.12 11.88 1.82
N ILE C 151 4.98 10.66 1.32
CA ILE C 151 4.32 9.60 2.06
C ILE C 151 5.03 9.34 3.39
N LYS C 152 6.35 9.22 3.34
CA LYS C 152 7.08 8.97 4.55
C LYS C 152 6.84 10.02 5.62
N ALA C 153 6.49 11.23 5.22
CA ALA C 153 6.25 12.27 6.20
C ALA C 153 4.83 12.15 6.69
N ILE C 154 3.97 11.57 5.86
CA ILE C 154 2.57 11.36 6.25
C ILE C 154 2.56 10.35 7.39
N TRP C 155 3.44 9.35 7.30
CA TRP C 155 3.57 8.34 8.34
C TRP C 155 4.13 9.06 9.54
N ASP C 156 5.36 9.51 9.40
CA ASP C 156 6.02 10.25 10.45
C ASP C 156 5.01 11.06 11.30
N PHE C 157 4.27 11.94 10.62
CA PHE C 157 3.29 12.81 11.28
C PHE C 157 2.07 12.11 11.93
N LEU C 158 1.30 11.37 11.14
CA LEU C 158 0.13 10.70 11.66
C LEU C 158 0.49 9.71 12.76
N ASP C 159 1.59 9.00 12.57
CA ASP C 159 2.07 8.05 13.57
C ASP C 159 2.24 8.85 14.86
N ARG C 160 2.97 9.95 14.78
CA ARG C 160 3.17 10.82 15.93
C ARG C 160 1.84 11.26 16.55
N GLU C 161 0.79 11.40 15.73
CA GLU C 161 -0.51 11.83 16.25
C GLU C 161 -1.36 10.59 16.45
N GLY C 162 -0.70 9.53 16.91
CA GLY C 162 -1.36 8.26 17.19
C GLY C 162 -2.39 7.73 16.22
N PHE C 163 -2.12 7.81 14.93
CA PHE C 163 -3.08 7.25 13.98
C PHE C 163 -2.62 5.82 13.75
N VAL C 164 -3.56 4.90 13.63
CA VAL C 164 -3.16 3.52 13.39
C VAL C 164 -3.27 3.25 11.90
N GLN C 165 -2.17 2.75 11.33
CA GLN C 165 -2.16 2.43 9.90
C GLN C 165 -2.85 1.10 9.79
N VAL C 166 -3.89 1.03 8.98
CA VAL C 166 -4.56 -0.24 8.82
C VAL C 166 -4.79 -0.47 7.36
N GLU C 167 -4.32 -1.61 6.90
CA GLU C 167 -4.46 -1.99 5.51
C GLU C 167 -5.81 -2.64 5.31
N THR C 168 -6.56 -2.06 4.40
CA THR C 168 -7.91 -2.48 4.09
C THR C 168 -8.00 -3.47 2.94
N PRO C 169 -9.11 -4.20 2.86
CA PRO C 169 -9.33 -5.20 1.81
C PRO C 169 -9.13 -4.63 0.39
N PHE C 170 -8.84 -5.52 -0.54
CA PHE C 170 -8.65 -5.21 -1.95
C PHE C 170 -9.73 -5.99 -2.72
N LEU C 171 -10.16 -7.12 -2.15
CA LEU C 171 -11.21 -7.95 -2.75
C LEU C 171 -12.50 -7.80 -1.95
N THR C 172 -13.47 -7.03 -2.47
CA THR C 172 -14.73 -6.81 -1.75
C THR C 172 -16.01 -7.14 -2.49
N LYS C 173 -17.10 -6.49 -2.06
CA LYS C 173 -18.41 -6.71 -2.65
C LYS C 173 -18.80 -5.61 -3.64
N SER C 174 -18.96 -5.99 -4.90
CA SER C 174 -19.37 -5.02 -5.90
C SER C 174 -20.60 -4.35 -5.32
N THR C 175 -20.74 -3.05 -5.54
CA THR C 175 -21.90 -2.35 -5.03
C THR C 175 -22.92 -2.22 -6.15
N PRO C 176 -24.20 -2.09 -5.80
CA PRO C 176 -25.21 -1.96 -6.85
C PRO C 176 -25.03 -0.80 -7.83
N GLU C 177 -25.14 0.45 -7.36
CA GLU C 177 -25.01 1.57 -8.28
C GLU C 177 -23.83 2.52 -8.07
N GLY C 178 -23.80 3.56 -8.91
CA GLY C 178 -22.76 4.58 -8.83
C GLY C 178 -21.48 4.33 -9.60
N ALA C 179 -20.38 4.25 -8.87
CA ALA C 179 -19.08 4.02 -9.47
C ALA C 179 -18.94 2.58 -9.93
N ARG C 180 -18.72 2.40 -11.22
CA ARG C 180 -18.55 1.06 -11.76
C ARG C 180 -17.20 0.60 -11.27
N ASP C 181 -17.13 -0.60 -10.68
CA ASP C 181 -15.84 -1.07 -10.23
C ASP C 181 -15.31 -2.23 -11.06
N PHE C 182 -14.03 -2.52 -10.86
CA PHE C 182 -13.40 -3.60 -11.56
C PHE C 182 -13.79 -4.86 -10.80
N LEU C 183 -14.16 -5.92 -11.51
CA LEU C 183 -14.57 -7.15 -10.84
C LEU C 183 -13.54 -8.25 -10.99
N VAL C 184 -13.49 -9.13 -9.99
CA VAL C 184 -12.57 -10.24 -10.01
C VAL C 184 -13.40 -11.51 -10.01
N PRO C 185 -13.27 -12.34 -11.05
CA PRO C 185 -14.05 -13.57 -11.08
C PRO C 185 -13.71 -14.46 -9.90
N TYR C 186 -14.73 -15.15 -9.38
CA TYR C 186 -14.52 -16.09 -8.29
C TYR C 186 -14.48 -17.40 -9.06
N ARG C 187 -13.32 -18.04 -9.05
CA ARG C 187 -13.16 -19.28 -9.78
C ARG C 187 -14.17 -20.30 -9.27
N HIS C 188 -14.04 -20.60 -7.99
CA HIS C 188 -14.87 -21.59 -7.30
C HIS C 188 -16.39 -21.46 -7.41
N GLU C 189 -16.89 -20.54 -8.24
CA GLU C 189 -18.33 -20.40 -8.37
C GLU C 189 -18.76 -19.38 -9.41
N PRO C 190 -18.78 -19.77 -10.69
CA PRO C 190 -19.18 -18.88 -11.79
C PRO C 190 -20.31 -17.94 -11.41
N GLY C 191 -20.26 -16.72 -11.94
CA GLY C 191 -21.31 -15.75 -11.66
C GLY C 191 -21.03 -14.93 -10.41
N LEU C 192 -20.21 -15.45 -9.52
CA LEU C 192 -19.86 -14.75 -8.28
C LEU C 192 -18.61 -13.90 -8.52
N PHE C 193 -18.51 -12.77 -7.82
CA PHE C 193 -17.39 -11.85 -8.05
C PHE C 193 -16.87 -11.06 -6.88
N TYR C 194 -15.60 -10.70 -6.96
CA TYR C 194 -14.99 -9.84 -5.95
C TYR C 194 -14.97 -8.47 -6.62
N ALA C 195 -14.83 -7.42 -5.83
CA ALA C 195 -14.80 -6.07 -6.37
C ALA C 195 -13.53 -5.35 -5.94
N LEU C 196 -12.87 -4.67 -6.88
CA LEU C 196 -11.68 -3.92 -6.49
C LEU C 196 -12.29 -2.67 -5.88
N PRO C 197 -11.91 -2.37 -4.64
CA PRO C 197 -12.32 -1.27 -3.78
C PRO C 197 -12.30 0.10 -4.37
N GLN C 198 -13.45 0.79 -4.34
CA GLN C 198 -13.54 2.13 -4.84
C GLN C 198 -12.72 2.94 -3.84
N SER C 199 -12.82 2.57 -2.56
CA SER C 199 -12.06 3.25 -1.49
C SER C 199 -12.36 2.58 -0.15
N PRO C 200 -11.53 2.89 0.85
CA PRO C 200 -11.76 2.31 2.17
C PRO C 200 -12.96 2.85 2.93
N GLN C 201 -13.70 3.77 2.32
CA GLN C 201 -14.83 4.37 3.01
C GLN C 201 -15.48 3.50 4.07
N LEU C 202 -16.08 2.38 3.71
CA LEU C 202 -16.71 1.62 4.79
C LEU C 202 -15.77 1.01 5.83
N PHE C 203 -14.72 0.31 5.44
CA PHE C 203 -13.85 -0.27 6.46
C PHE C 203 -13.23 0.77 7.40
N LYS C 204 -13.08 2.01 6.96
CA LYS C 204 -12.47 3.03 7.82
C LYS C 204 -13.37 3.43 8.97
N GLN C 205 -14.68 3.37 8.73
CA GLN C 205 -15.66 3.71 9.77
C GLN C 205 -15.79 2.52 10.71
N MET C 206 -15.85 1.34 10.11
CA MET C 206 -15.94 0.15 10.91
C MET C 206 -14.81 0.21 11.91
N LEU C 207 -13.61 0.57 11.44
CA LEU C 207 -12.46 0.65 12.32
C LEU C 207 -12.68 1.66 13.45
N MET C 208 -13.58 2.59 13.21
CA MET C 208 -13.91 3.62 14.19
C MET C 208 -14.91 3.02 15.16
N VAL C 209 -15.85 2.27 14.59
CA VAL C 209 -16.85 1.56 15.36
C VAL C 209 -16.06 0.57 16.23
N ALA C 210 -14.91 0.13 15.70
CA ALA C 210 -14.05 -0.84 16.37
C ALA C 210 -13.25 -0.37 17.57
N GLY C 211 -13.36 0.91 17.93
CA GLY C 211 -12.62 1.36 19.08
C GLY C 211 -11.22 1.87 18.81
N LEU C 212 -10.76 1.68 17.59
CA LEU C 212 -9.46 2.20 17.23
C LEU C 212 -9.81 3.67 17.19
N ASP C 213 -8.86 4.57 17.45
CA ASP C 213 -9.29 5.95 17.43
C ASP C 213 -9.29 6.65 16.08
N ARG C 214 -8.09 6.76 15.52
CA ARG C 214 -7.80 7.44 14.28
C ARG C 214 -7.01 6.53 13.36
N TYR C 215 -7.56 6.23 12.19
CA TYR C 215 -6.86 5.37 11.26
C TYR C 215 -6.38 6.16 10.06
N PHE C 216 -5.37 5.63 9.38
CA PHE C 216 -4.84 6.27 8.18
C PHE C 216 -4.28 5.15 7.34
N GLN C 217 -4.40 5.31 6.04
CA GLN C 217 -3.84 4.31 5.15
C GLN C 217 -3.60 4.90 3.79
N ILE C 218 -2.39 4.73 3.25
CA ILE C 218 -2.17 5.22 1.91
C ILE C 218 -2.81 4.07 1.15
N ALA C 219 -4.08 4.28 0.82
CA ALA C 219 -4.90 3.31 0.12
C ALA C 219 -4.72 3.33 -1.38
N ARG C 220 -5.28 2.32 -2.04
CA ARG C 220 -5.21 2.21 -3.48
C ARG C 220 -6.66 2.01 -3.90
N CYS C 221 -7.13 2.84 -4.82
CA CYS C 221 -8.52 2.75 -5.26
C CYS C 221 -8.67 2.46 -6.74
N PHE C 222 -9.77 1.79 -7.08
CA PHE C 222 -10.05 1.41 -8.45
C PHE C 222 -11.39 1.99 -8.85
N ARG C 223 -11.63 2.04 -10.16
CA ARG C 223 -12.88 2.58 -10.70
C ARG C 223 -12.82 2.42 -12.20
N ASP C 224 -13.67 1.55 -12.72
CA ASP C 224 -13.71 1.29 -14.14
C ASP C 224 -14.58 2.31 -14.85
N GLU C 225 -14.14 3.55 -14.81
CA GLU C 225 -14.86 4.61 -15.48
C GLU C 225 -13.92 5.51 -16.24
N ASP C 226 -14.42 6.04 -17.34
CA ASP C 226 -13.65 6.91 -18.23
C ASP C 226 -12.49 7.60 -17.55
N LEU C 227 -11.29 7.29 -18.03
CA LEU C 227 -10.08 7.89 -17.50
C LEU C 227 -10.11 9.24 -18.20
N ARG C 228 -11.31 9.78 -18.34
CA ARG C 228 -11.49 11.05 -19.03
C ARG C 228 -10.47 12.13 -18.67
N ALA C 229 -10.54 12.71 -17.47
CA ALA C 229 -9.60 13.76 -17.07
C ALA C 229 -8.30 12.99 -16.89
N ASP C 230 -7.36 13.48 -16.12
CA ASP C 230 -6.14 12.67 -16.03
C ASP C 230 -6.32 11.46 -15.11
N ARG C 231 -7.35 10.66 -15.36
CA ARG C 231 -7.66 9.47 -14.56
C ARG C 231 -6.85 8.24 -14.91
N GLN C 232 -6.70 7.33 -13.96
CA GLN C 232 -5.99 6.07 -14.11
C GLN C 232 -6.96 4.96 -13.62
N PRO C 233 -7.01 3.79 -14.30
CA PRO C 233 -7.95 2.76 -13.84
C PRO C 233 -7.96 2.65 -12.32
N ASP C 234 -6.79 2.86 -11.73
CA ASP C 234 -6.66 2.77 -10.28
C ASP C 234 -5.65 3.77 -9.72
N PHE C 235 -6.06 4.53 -8.72
CA PHE C 235 -5.20 5.52 -8.10
C PHE C 235 -4.88 5.28 -6.63
N THR C 236 -4.24 6.27 -6.03
CA THR C 236 -3.79 6.21 -4.64
C THR C 236 -4.30 7.38 -3.83
N GLN C 237 -4.75 7.11 -2.60
CA GLN C 237 -5.22 8.17 -1.74
C GLN C 237 -4.62 8.04 -0.36
N LEU C 238 -4.75 9.13 0.39
CA LEU C 238 -4.34 9.15 1.77
C LEU C 238 -5.74 9.08 2.35
N ASP C 239 -6.03 8.02 3.12
CA ASP C 239 -7.36 7.85 3.69
C ASP C 239 -7.18 7.93 5.19
N LEU C 240 -7.94 8.81 5.80
CA LEU C 240 -7.83 9.06 7.22
C LEU C 240 -9.21 9.25 7.84
N GLU C 241 -9.48 8.48 8.90
CA GLU C 241 -10.75 8.52 9.61
C GLU C 241 -10.49 8.83 11.08
N MET C 242 -11.35 9.63 11.69
CA MET C 242 -11.17 9.99 13.10
C MET C 242 -12.46 9.89 13.90
N SER C 243 -12.32 9.58 15.18
CA SER C 243 -13.45 9.45 16.11
C SER C 243 -13.48 10.66 17.06
N PHE C 244 -14.69 11.01 17.50
CA PHE C 244 -14.87 12.13 18.42
C PHE C 244 -14.21 13.36 17.87
N VAL C 245 -14.59 13.69 16.65
CA VAL C 245 -14.07 14.85 15.97
C VAL C 245 -15.22 15.66 15.44
N GLU C 246 -15.03 16.98 15.45
CA GLU C 246 -16.00 17.90 14.90
C GLU C 246 -15.22 18.39 13.70
N VAL C 247 -15.90 18.78 12.62
CA VAL C 247 -15.21 19.26 11.40
C VAL C 247 -13.89 19.99 11.69
N GLU C 248 -13.97 20.99 12.55
CA GLU C 248 -12.79 21.75 12.90
C GLU C 248 -11.63 20.83 13.22
N ASP C 249 -11.92 19.82 14.04
CA ASP C 249 -10.91 18.86 14.43
C ASP C 249 -10.22 18.18 13.25
N VAL C 250 -11.01 17.82 12.26
CA VAL C 250 -10.51 17.15 11.06
C VAL C 250 -9.68 18.12 10.21
N LEU C 251 -10.20 19.32 9.98
CA LEU C 251 -9.47 20.30 9.18
C LEU C 251 -8.11 20.61 9.81
N GLU C 252 -8.13 21.12 11.04
CA GLU C 252 -6.89 21.47 11.73
C GLU C 252 -5.80 20.41 11.67
N LEU C 253 -6.20 19.15 11.64
CA LEU C 253 -5.21 18.08 11.58
C LEU C 253 -4.65 18.00 10.18
N ASN C 254 -5.54 18.02 9.20
CA ASN C 254 -5.12 17.97 7.82
C ASN C 254 -4.27 19.19 7.49
N GLU C 255 -4.68 20.38 7.94
CA GLU C 255 -3.90 21.57 7.69
C GLU C 255 -2.49 21.24 8.17
N ARG C 256 -2.32 21.18 9.48
CA ARG C 256 -1.03 20.86 10.06
C ARG C 256 -0.29 19.70 9.38
N LEU C 257 -1.03 18.66 8.97
CA LEU C 257 -0.42 17.49 8.31
C LEU C 257 0.19 17.98 7.02
N MET C 258 -0.67 18.58 6.18
CA MET C 258 -0.25 19.11 4.89
C MET C 258 0.99 19.92 5.12
N ALA C 259 0.89 20.89 6.03
CA ALA C 259 2.04 21.73 6.38
C ALA C 259 3.26 20.84 6.49
N HIS C 260 3.21 19.87 7.37
CA HIS C 260 4.33 18.96 7.53
C HIS C 260 4.76 18.44 6.14
N VAL C 261 3.93 17.65 5.48
CA VAL C 261 4.30 17.11 4.16
C VAL C 261 5.07 18.08 3.28
N PHE C 262 4.63 19.33 3.20
CA PHE C 262 5.30 20.31 2.36
C PHE C 262 6.69 20.70 2.85
N ARG C 263 6.78 21.11 4.10
CA ARG C 263 8.03 21.52 4.69
C ARG C 263 9.01 20.36 4.65
N GLU C 264 8.49 19.16 4.67
CA GLU C 264 9.32 17.98 4.69
C GLU C 264 9.78 17.46 3.34
N ALA C 265 8.94 17.61 2.32
CA ALA C 265 9.33 17.10 1.01
C ALA C 265 9.77 18.20 0.06
N LEU C 266 9.09 19.35 0.11
CA LEU C 266 9.43 20.47 -0.75
C LEU C 266 10.17 21.57 0.00
N GLY C 267 10.26 21.43 1.31
CA GLY C 267 10.93 22.47 2.06
C GLY C 267 10.21 23.78 1.83
N VAL C 268 8.91 23.67 1.58
CA VAL C 268 8.06 24.84 1.41
C VAL C 268 7.43 25.04 2.80
N GLU C 269 6.91 26.22 3.07
CA GLU C 269 6.26 26.46 4.35
C GLU C 269 4.95 27.16 4.10
N LEU C 270 3.89 26.36 3.97
CA LEU C 270 2.57 26.91 3.72
C LEU C 270 2.14 27.75 4.90
N PRO C 271 1.76 29.02 4.67
CA PRO C 271 1.34 29.75 5.87
C PRO C 271 0.02 29.17 6.34
N LEU C 272 -0.23 29.27 7.64
CA LEU C 272 -1.45 28.72 8.20
C LEU C 272 -2.29 29.78 8.90
N PRO C 273 -3.59 29.53 9.04
CA PRO C 273 -4.33 28.34 8.60
C PRO C 273 -4.71 28.48 7.12
N PHE C 274 -5.17 27.40 6.50
CA PHE C 274 -5.58 27.53 5.13
C PHE C 274 -6.83 28.38 5.23
N PRO C 275 -7.18 29.06 4.14
CA PRO C 275 -8.39 29.89 4.20
C PRO C 275 -9.55 28.95 3.97
N ARG C 276 -10.75 29.40 4.34
CA ARG C 276 -11.96 28.61 4.12
C ARG C 276 -12.97 29.46 3.37
N LEU C 277 -13.92 28.81 2.71
CA LEU C 277 -14.94 29.53 1.97
C LEU C 277 -16.13 28.63 1.87
N SER C 278 -17.31 29.16 2.14
CA SER C 278 -18.50 28.35 2.03
C SER C 278 -18.67 28.05 0.55
N TYR C 279 -19.36 26.96 0.26
CA TYR C 279 -19.62 26.60 -1.11
C TYR C 279 -20.33 27.82 -1.68
N GLU C 280 -21.18 28.44 -0.86
CA GLU C 280 -21.92 29.62 -1.30
C GLU C 280 -20.99 30.73 -1.74
N GLU C 281 -19.88 30.92 -1.03
CA GLU C 281 -18.93 31.95 -1.41
C GLU C 281 -18.05 31.52 -2.57
N ALA C 282 -17.52 30.30 -2.50
CA ALA C 282 -16.70 29.82 -3.59
C ALA C 282 -17.54 30.00 -4.85
N MET C 283 -18.76 29.48 -4.85
CA MET C 283 -19.60 29.61 -6.03
C MET C 283 -19.75 31.04 -6.48
N GLU C 284 -20.08 31.93 -5.55
CA GLU C 284 -20.25 33.33 -5.92
C GLU C 284 -18.98 33.96 -6.45
N ARG C 285 -18.04 34.18 -5.54
CA ARG C 285 -16.78 34.79 -5.90
C ARG C 285 -15.99 34.16 -7.04
N TYR C 286 -16.20 32.87 -7.30
CA TYR C 286 -15.45 32.23 -8.37
C TYR C 286 -16.24 31.32 -9.29
N GLY C 287 -17.49 31.04 -8.92
CA GLY C 287 -18.35 30.18 -9.72
C GLY C 287 -17.77 28.79 -9.78
N SER C 288 -17.23 28.32 -8.68
CA SER C 288 -16.62 27.00 -8.64
C SER C 288 -16.25 26.64 -7.21
N ASP C 289 -16.34 25.35 -6.87
CA ASP C 289 -16.01 24.91 -5.51
C ASP C 289 -14.58 24.41 -5.35
N LYS C 290 -13.73 24.71 -6.33
CA LYS C 290 -12.32 24.37 -6.25
C LYS C 290 -11.61 25.61 -6.73
N PRO C 291 -11.86 26.75 -6.07
CA PRO C 291 -11.23 28.00 -6.47
C PRO C 291 -9.74 27.95 -6.78
N ASP C 292 -9.33 28.68 -7.80
CA ASP C 292 -7.93 28.75 -8.16
C ASP C 292 -7.52 30.08 -7.59
N LEU C 293 -7.14 30.11 -6.33
CA LEU C 293 -6.80 31.37 -5.73
C LEU C 293 -5.45 31.93 -6.10
N ARG C 294 -4.83 31.48 -7.19
CA ARG C 294 -3.51 32.03 -7.55
C ARG C 294 -3.62 33.43 -8.10
N PHE C 295 -4.84 33.89 -8.29
CA PHE C 295 -5.06 35.20 -8.87
C PHE C 295 -6.52 35.56 -8.68
N GLY C 296 -6.83 36.84 -8.66
CA GLY C 296 -8.22 37.18 -8.45
C GLY C 296 -9.00 37.94 -9.50
N LEU C 297 -9.76 37.21 -10.31
CA LEU C 297 -10.60 37.93 -11.25
C LEU C 297 -11.93 37.41 -10.75
N GLU C 298 -12.40 37.99 -9.66
CA GLU C 298 -13.65 37.52 -9.10
C GLU C 298 -14.90 37.96 -9.82
N LEU C 299 -15.92 37.11 -9.71
CA LEU C 299 -17.21 37.36 -10.31
C LEU C 299 -17.95 38.34 -9.44
N LYS C 300 -19.05 38.85 -9.95
CA LYS C 300 -19.85 39.78 -9.17
C LYS C 300 -21.28 39.65 -9.64
N GLU C 301 -22.20 39.71 -8.68
CA GLU C 301 -23.58 39.64 -9.07
C GLU C 301 -23.86 41.08 -9.33
N VAL C 302 -24.76 41.30 -10.25
CA VAL C 302 -25.17 42.64 -10.63
C VAL C 302 -26.62 42.49 -11.05
N GLY C 303 -27.12 41.26 -10.90
CA GLY C 303 -28.50 40.96 -11.23
C GLY C 303 -29.40 42.09 -10.83
N PRO C 304 -29.29 42.55 -9.58
CA PRO C 304 -30.10 43.66 -9.08
C PRO C 304 -29.91 44.99 -9.82
N LEU C 305 -28.70 45.27 -10.28
CA LEU C 305 -28.44 46.52 -10.98
C LEU C 305 -29.32 46.68 -12.20
N PHE C 306 -29.94 45.59 -12.64
CA PHE C 306 -30.78 45.68 -13.82
C PHE C 306 -32.27 45.46 -13.63
N ARG C 307 -32.81 45.58 -12.41
CA ARG C 307 -34.25 45.31 -12.29
C ARG C 307 -35.12 46.43 -12.83
N GLN C 308 -34.51 47.57 -13.10
CA GLN C 308 -35.27 48.69 -13.67
C GLN C 308 -34.98 48.79 -15.15
N SER C 309 -34.01 47.99 -15.59
CA SER C 309 -33.57 47.95 -16.97
C SER C 309 -34.52 47.39 -18.01
N GLY C 310 -34.38 47.89 -19.24
CA GLY C 310 -35.19 47.44 -20.34
C GLY C 310 -34.51 46.32 -21.11
N PHE C 311 -33.27 46.03 -20.74
CA PHE C 311 -32.55 44.95 -21.39
C PHE C 311 -33.10 43.64 -20.82
N ARG C 312 -34.13 43.13 -21.49
CA ARG C 312 -34.81 41.89 -21.10
C ARG C 312 -33.95 40.82 -20.46
N VAL C 313 -32.82 40.53 -21.11
CA VAL C 313 -31.95 39.48 -20.59
C VAL C 313 -31.49 39.74 -19.16
N PHE C 314 -30.70 40.77 -18.96
CA PHE C 314 -30.23 41.06 -17.62
C PHE C 314 -31.32 41.22 -16.57
N GLN C 315 -32.48 41.74 -16.96
CA GLN C 315 -33.50 41.94 -15.94
C GLN C 315 -34.34 40.74 -15.59
N GLU C 316 -34.66 39.93 -16.59
CA GLU C 316 -35.46 38.73 -16.38
C GLU C 316 -34.55 37.55 -16.05
N ALA C 317 -33.34 37.84 -15.57
CA ALA C 317 -32.38 36.79 -15.25
C ALA C 317 -32.23 36.57 -13.76
N GLU C 318 -32.31 35.31 -13.34
CA GLU C 318 -32.17 35.00 -11.93
C GLU C 318 -30.88 35.59 -11.43
N SER C 319 -29.84 35.46 -12.24
CA SER C 319 -28.54 36.01 -11.89
C SER C 319 -27.83 36.57 -13.10
N VAL C 320 -26.94 37.51 -12.84
CA VAL C 320 -26.14 38.13 -13.87
C VAL C 320 -24.77 38.27 -13.21
N LYS C 321 -23.86 37.39 -13.61
CA LYS C 321 -22.51 37.42 -13.07
C LYS C 321 -21.65 38.27 -13.99
N ALA C 322 -20.91 39.17 -13.36
CA ALA C 322 -20.06 40.12 -14.05
C ALA C 322 -18.59 39.92 -13.76
N LEU C 323 -17.79 39.81 -14.82
CA LEU C 323 -16.36 39.65 -14.68
C LEU C 323 -15.66 40.63 -15.61
N ALA C 324 -14.81 41.47 -15.05
CA ALA C 324 -14.10 42.45 -15.86
C ALA C 324 -12.65 41.99 -15.99
N LEU C 325 -12.18 41.89 -17.23
CA LEU C 325 -10.79 41.50 -17.48
C LEU C 325 -9.97 42.77 -17.78
N PRO C 326 -8.74 42.84 -17.28
CA PRO C 326 -7.90 44.01 -17.51
C PRO C 326 -7.28 43.99 -18.91
N LYS C 327 -8.12 44.13 -19.93
CA LYS C 327 -7.63 44.08 -21.29
C LYS C 327 -8.75 44.20 -22.29
N ALA C 328 -8.60 45.07 -23.28
CA ALA C 328 -9.65 45.17 -24.30
C ALA C 328 -9.40 43.89 -25.04
N LEU C 329 -10.40 43.03 -25.09
CA LEU C 329 -10.22 41.76 -25.77
C LEU C 329 -10.56 41.82 -27.24
N SER C 330 -9.83 41.02 -27.99
CA SER C 330 -9.98 40.90 -29.43
C SER C 330 -11.33 40.27 -29.70
N ARG C 331 -11.87 40.46 -30.90
CA ARG C 331 -13.16 39.84 -31.20
C ARG C 331 -12.91 38.34 -31.08
N LYS C 332 -11.74 37.92 -31.56
CA LYS C 332 -11.31 36.53 -31.54
C LYS C 332 -11.41 35.94 -30.13
N GLU C 333 -10.71 36.59 -29.19
CA GLU C 333 -10.67 36.17 -27.80
C GLU C 333 -12.05 36.13 -27.19
N VAL C 334 -12.77 37.24 -27.31
CA VAL C 334 -14.11 37.32 -26.77
C VAL C 334 -14.94 36.16 -27.30
N ALA C 335 -14.71 35.78 -28.56
CA ALA C 335 -15.46 34.67 -29.17
C ALA C 335 -15.10 33.34 -28.53
N GLU C 336 -13.86 33.23 -28.08
CA GLU C 336 -13.37 32.02 -27.45
C GLU C 336 -14.00 31.97 -26.05
N LEU C 337 -13.74 33.00 -25.24
CA LEU C 337 -14.31 33.05 -23.91
C LEU C 337 -15.78 32.72 -23.97
N GLU C 338 -16.40 32.99 -25.12
CA GLU C 338 -17.82 32.72 -25.25
C GLU C 338 -18.12 31.24 -25.37
N GLU C 339 -17.31 30.49 -26.11
CA GLU C 339 -17.57 29.06 -26.24
C GLU C 339 -17.38 28.37 -24.90
N VAL C 340 -16.57 28.98 -24.05
CA VAL C 340 -16.33 28.43 -22.72
C VAL C 340 -17.67 28.50 -22.01
N ALA C 341 -18.22 29.71 -22.00
CA ALA C 341 -19.49 30.02 -21.38
C ALA C 341 -20.58 29.07 -21.83
N LYS C 342 -20.72 28.91 -23.15
CA LYS C 342 -21.73 28.03 -23.72
C LYS C 342 -21.43 26.58 -23.36
N ARG C 343 -20.14 26.23 -23.32
CA ARG C 343 -19.73 24.88 -22.96
C ARG C 343 -20.16 24.59 -21.54
N HIS C 344 -20.17 25.60 -20.68
CA HIS C 344 -20.66 25.38 -19.35
C HIS C 344 -22.03 25.84 -19.83
N LYS C 345 -23.08 25.54 -19.11
CA LYS C 345 -24.32 25.90 -19.80
C LYS C 345 -24.86 27.32 -19.79
N ALA C 346 -24.55 28.07 -20.83
CA ALA C 346 -24.98 29.47 -20.88
C ALA C 346 -25.46 30.02 -22.23
N GLN C 347 -26.69 30.51 -22.24
CA GLN C 347 -27.30 31.07 -23.42
C GLN C 347 -26.32 31.95 -24.20
N GLY C 348 -25.32 32.50 -23.52
CA GLY C 348 -24.37 33.35 -24.22
C GLY C 348 -23.51 34.13 -23.26
N LEU C 349 -22.60 34.93 -23.80
CA LEU C 349 -21.66 35.70 -22.98
C LEU C 349 -21.52 37.15 -23.40
N ALA C 350 -22.35 38.01 -22.83
CA ALA C 350 -22.28 39.42 -23.15
C ALA C 350 -20.93 40.01 -22.81
N TRP C 351 -20.62 41.12 -23.46
CA TRP C 351 -19.38 41.86 -23.22
C TRP C 351 -19.64 43.32 -23.60
N ALA C 352 -18.64 44.16 -23.37
CA ALA C 352 -18.72 45.58 -23.67
C ALA C 352 -17.35 46.15 -23.33
N ARG C 353 -17.01 47.30 -23.93
CA ARG C 353 -15.72 47.91 -23.66
C ARG C 353 -15.88 49.07 -22.71
N VAL C 354 -14.96 49.17 -21.77
CA VAL C 354 -15.01 50.26 -20.82
C VAL C 354 -14.02 51.33 -21.32
N GLU C 355 -14.56 52.49 -21.69
CA GLU C 355 -13.73 53.60 -22.15
C GLU C 355 -14.04 54.64 -21.09
N GLU C 356 -13.41 55.81 -21.14
CA GLU C 356 -13.70 56.84 -20.13
C GLU C 356 -15.15 57.25 -20.29
N GLY C 357 -15.76 57.69 -19.20
CA GLY C 357 -17.14 58.13 -19.22
C GLY C 357 -18.21 57.25 -19.88
N GLY C 358 -17.99 55.93 -19.95
CA GLY C 358 -18.99 55.06 -20.55
C GLY C 358 -18.50 53.73 -21.09
N PHE C 359 -19.35 53.09 -21.88
CA PHE C 359 -19.01 51.81 -22.49
C PHE C 359 -19.29 51.87 -23.99
N SER C 360 -18.67 50.96 -24.71
CA SER C 360 -18.84 50.85 -26.15
C SER C 360 -18.66 49.38 -26.46
N GLY C 361 -19.36 48.90 -27.47
CA GLY C 361 -19.25 47.50 -27.82
C GLY C 361 -20.33 46.66 -27.19
N GLY C 362 -20.35 45.40 -27.58
CA GLY C 362 -21.32 44.46 -27.07
C GLY C 362 -22.60 45.06 -26.56
N VAL C 363 -22.81 44.87 -25.26
CA VAL C 363 -24.02 45.30 -24.59
C VAL C 363 -24.00 46.69 -23.91
N ALA C 364 -22.96 47.47 -24.19
CA ALA C 364 -22.80 48.80 -23.59
C ALA C 364 -24.06 49.68 -23.53
N LYS C 365 -24.88 49.62 -24.57
CA LYS C 365 -26.11 50.41 -24.61
C LYS C 365 -26.81 50.36 -23.26
N PHE C 366 -27.07 49.15 -22.77
CA PHE C 366 -27.78 48.99 -21.51
C PHE C 366 -26.91 49.07 -20.27
N LEU C 367 -25.59 49.05 -20.42
CA LEU C 367 -24.77 49.15 -19.23
C LEU C 367 -24.77 50.62 -18.86
N GLU C 368 -24.86 51.47 -19.87
CA GLU C 368 -24.80 52.90 -19.62
C GLU C 368 -25.60 53.40 -18.42
N PRO C 369 -26.93 53.18 -18.41
CA PRO C 369 -27.75 53.64 -17.29
C PRO C 369 -27.31 53.19 -15.90
N VAL C 370 -26.62 52.05 -15.81
CA VAL C 370 -26.14 51.56 -14.52
C VAL C 370 -24.64 51.72 -14.41
N ARG C 371 -24.05 52.50 -15.34
CA ARG C 371 -22.60 52.68 -15.35
C ARG C 371 -21.91 52.87 -14.01
N GLU C 372 -22.22 53.96 -13.35
CA GLU C 372 -21.58 54.23 -12.07
C GLU C 372 -21.64 53.05 -11.10
N ALA C 373 -22.83 52.49 -10.90
CA ALA C 373 -22.96 51.37 -9.98
C ALA C 373 -22.14 50.18 -10.49
N LEU C 374 -22.31 49.86 -11.77
CA LEU C 374 -21.58 48.73 -12.34
C LEU C 374 -20.07 48.91 -12.27
N LEU C 375 -19.58 50.14 -12.28
CA LEU C 375 -18.14 50.33 -12.20
C LEU C 375 -17.65 50.04 -10.81
N GLN C 376 -18.44 50.46 -9.80
CA GLN C 376 -18.08 50.23 -8.42
C GLN C 376 -18.03 48.73 -8.11
N ALA C 377 -19.03 47.99 -8.58
CA ALA C 377 -19.07 46.55 -8.37
C ALA C 377 -17.88 45.84 -9.02
N THR C 378 -17.71 45.99 -10.33
CA THR C 378 -16.63 45.33 -11.06
C THR C 378 -15.24 45.96 -10.95
N GLU C 379 -15.16 47.15 -10.35
CA GLU C 379 -13.89 47.83 -10.20
C GLU C 379 -13.12 47.94 -11.51
N ALA C 380 -13.87 48.13 -12.59
CA ALA C 380 -13.30 48.23 -13.93
C ALA C 380 -12.85 49.62 -14.31
N ARG C 381 -11.67 49.69 -14.90
CA ARG C 381 -11.09 50.94 -15.37
C ARG C 381 -11.29 51.08 -16.88
N PRO C 382 -10.97 52.24 -17.45
CA PRO C 382 -11.19 52.25 -18.88
C PRO C 382 -10.15 51.36 -19.54
N GLY C 383 -10.57 50.71 -20.63
CA GLY C 383 -9.67 49.83 -21.34
C GLY C 383 -9.98 48.39 -21.04
N ASP C 384 -10.81 48.18 -20.02
CA ASP C 384 -11.19 46.82 -19.63
C ASP C 384 -12.33 46.36 -20.50
N THR C 385 -12.56 45.06 -20.49
CA THR C 385 -13.66 44.49 -21.23
C THR C 385 -14.59 43.90 -20.17
N LEU C 386 -15.88 44.21 -20.22
CA LEU C 386 -16.77 43.60 -19.25
C LEU C 386 -17.39 42.40 -19.91
N LEU C 387 -17.43 41.30 -19.17
CA LEU C 387 -18.01 40.03 -19.63
C LEU C 387 -19.19 39.73 -18.72
N PHE C 388 -20.28 39.26 -19.28
CA PHE C 388 -21.44 38.95 -18.45
C PHE C 388 -22.09 37.66 -18.86
N VAL C 389 -22.43 36.82 -17.88
CA VAL C 389 -23.20 35.61 -18.18
C VAL C 389 -24.44 35.84 -17.32
N ALA C 390 -25.61 35.57 -17.90
CA ALA C 390 -26.83 35.79 -17.17
C ALA C 390 -27.75 34.59 -17.35
N GLY C 391 -28.36 34.16 -16.25
CA GLY C 391 -29.26 33.03 -16.26
C GLY C 391 -29.34 32.46 -14.85
N PRO C 392 -29.58 31.15 -14.70
CA PRO C 392 -29.67 30.53 -13.38
C PRO C 392 -28.41 30.71 -12.56
N ARG C 393 -28.59 31.21 -11.34
CA ARG C 393 -27.50 31.48 -10.43
C ARG C 393 -26.32 30.51 -10.53
N LYS C 394 -26.59 29.22 -10.71
CA LYS C 394 -25.48 28.29 -10.79
C LYS C 394 -24.88 28.24 -12.19
N VAL C 395 -25.75 28.17 -13.18
CA VAL C 395 -25.29 28.15 -14.56
C VAL C 395 -24.52 29.46 -14.76
N ALA C 396 -25.11 30.56 -14.28
CA ALA C 396 -24.50 31.86 -14.40
C ALA C 396 -23.06 31.83 -13.95
N ALA C 397 -22.86 31.44 -12.69
CA ALA C 397 -21.54 31.41 -12.09
C ALA C 397 -20.59 30.32 -12.54
N THR C 398 -21.06 29.12 -12.83
CA THR C 398 -20.10 28.11 -13.26
C THR C 398 -19.55 28.51 -14.62
N ALA C 399 -20.38 29.15 -15.42
CA ALA C 399 -19.99 29.61 -16.76
C ALA C 399 -19.09 30.83 -16.71
N LEU C 400 -19.50 31.89 -16.01
CA LEU C 400 -18.67 33.07 -15.94
C LEU C 400 -17.37 32.61 -15.30
N GLY C 401 -17.50 31.56 -14.48
CA GLY C 401 -16.35 31.01 -13.79
C GLY C 401 -15.35 30.31 -14.68
N ALA C 402 -15.86 29.48 -15.58
CA ALA C 402 -14.98 28.75 -16.51
C ALA C 402 -14.22 29.80 -17.27
N VAL C 403 -14.98 30.77 -17.79
CA VAL C 403 -14.46 31.89 -18.53
C VAL C 403 -13.30 32.50 -17.76
N ARG C 404 -13.56 32.80 -16.50
CA ARG C 404 -12.56 33.39 -15.64
C ARG C 404 -11.26 32.60 -15.68
N LEU C 405 -11.39 31.29 -15.84
CA LEU C 405 -10.21 30.44 -15.89
C LEU C 405 -9.42 30.50 -17.18
N ARG C 406 -10.12 30.53 -18.31
CA ARG C 406 -9.47 30.62 -19.62
C ARG C 406 -8.79 31.98 -19.66
N ALA C 407 -9.53 32.97 -19.18
CA ALA C 407 -9.07 34.34 -19.16
C ALA C 407 -7.76 34.49 -18.40
N ALA C 408 -7.50 33.61 -17.43
CA ALA C 408 -6.25 33.70 -16.70
C ALA C 408 -5.18 33.33 -17.70
N ASP C 409 -5.50 32.36 -18.55
CA ASP C 409 -4.54 31.98 -19.56
C ASP C 409 -4.43 33.18 -20.48
N LEU C 410 -5.43 33.37 -21.36
CA LEU C 410 -5.42 34.49 -22.29
C LEU C 410 -4.68 35.71 -21.74
N LEU C 411 -5.09 36.18 -20.57
CA LEU C 411 -4.45 37.36 -20.01
C LEU C 411 -2.96 37.24 -19.76
N GLY C 412 -2.50 36.02 -19.50
CA GLY C 412 -1.08 35.81 -19.26
C GLY C 412 -0.75 35.52 -17.82
N LEU C 413 -1.73 35.70 -16.93
CA LEU C 413 -1.53 35.46 -15.50
C LEU C 413 -0.53 34.37 -15.18
N LYS C 414 0.70 34.77 -14.85
CA LYS C 414 1.73 33.80 -14.48
C LYS C 414 1.31 33.19 -13.14
N ARG C 415 0.42 32.19 -13.18
CA ARG C 415 -0.07 31.52 -11.99
C ARG C 415 0.97 30.67 -11.29
N GLU C 416 1.51 31.15 -10.17
CA GLU C 416 2.52 30.37 -9.44
C GLU C 416 2.25 30.18 -7.96
N GLY C 417 3.02 29.26 -7.36
CA GLY C 417 2.88 28.98 -5.94
C GLY C 417 1.83 27.94 -5.62
N PHE C 418 1.48 27.84 -4.35
CA PHE C 418 0.45 26.89 -3.91
C PHE C 418 -0.61 27.59 -3.08
N ARG C 419 -1.86 27.42 -3.47
CA ARG C 419 -2.92 28.04 -2.72
C ARG C 419 -3.86 26.97 -2.23
N PHE C 420 -3.89 26.81 -0.91
CA PHE C 420 -4.76 25.85 -0.27
C PHE C 420 -5.96 26.58 0.27
N LEU C 421 -7.11 25.91 0.28
CA LEU C 421 -8.27 26.51 0.89
C LEU C 421 -9.29 25.43 1.10
N TRP C 422 -9.99 25.57 2.21
CA TRP C 422 -11.03 24.64 2.58
C TRP C 422 -12.31 25.17 2.00
N VAL C 423 -13.07 24.28 1.41
CA VAL C 423 -14.35 24.68 0.90
C VAL C 423 -15.28 23.96 1.85
N VAL C 424 -15.83 24.74 2.77
CA VAL C 424 -16.73 24.25 3.78
C VAL C 424 -18.14 24.68 3.49
N ASP C 425 -19.05 24.13 4.28
CA ASP C 425 -20.48 24.37 4.22
C ASP C 425 -21.18 24.11 2.91
N PHE C 426 -20.95 22.93 2.31
CA PHE C 426 -21.65 22.60 1.09
C PHE C 426 -23.05 22.24 1.55
N PRO C 427 -24.02 22.26 0.62
CA PRO C 427 -25.37 21.88 1.03
C PRO C 427 -25.37 20.35 1.13
N LEU C 428 -26.23 19.80 1.97
CA LEU C 428 -26.29 18.35 2.13
C LEU C 428 -26.84 17.71 0.87
N LEU C 429 -27.90 18.28 0.33
CA LEU C 429 -28.43 17.68 -0.87
C LEU C 429 -28.33 18.67 -2.01
N GLU C 430 -28.54 18.16 -3.21
CA GLU C 430 -28.54 19.03 -4.37
C GLU C 430 -29.69 18.58 -5.24
N TRP C 431 -29.80 19.14 -6.42
CA TRP C 431 -30.99 18.80 -7.12
C TRP C 431 -31.21 18.43 -8.56
N ASP C 432 -30.61 19.18 -9.46
CA ASP C 432 -31.12 18.79 -10.75
C ASP C 432 -30.88 17.56 -11.54
N GLU C 433 -32.02 16.90 -11.69
CA GLU C 433 -32.18 15.64 -12.42
C GLU C 433 -33.68 15.50 -12.71
N GLU C 434 -34.08 15.45 -13.98
CA GLU C 434 -35.50 15.31 -14.32
C GLU C 434 -36.22 14.23 -13.51
N GLU C 435 -35.46 13.46 -12.73
CA GLU C 435 -36.02 12.45 -11.82
C GLU C 435 -35.97 13.36 -10.62
N GLU C 436 -37.14 13.89 -10.27
CA GLU C 436 -37.23 14.87 -9.20
C GLU C 436 -37.07 14.58 -7.70
N ALA C 437 -36.06 13.89 -7.25
CA ALA C 437 -35.99 13.80 -5.81
C ALA C 437 -34.73 14.49 -5.40
N TRP C 438 -34.49 14.48 -4.12
CA TRP C 438 -33.28 15.10 -3.69
C TRP C 438 -32.20 14.06 -3.79
N THR C 439 -31.09 14.50 -4.35
CA THR C 439 -29.94 13.68 -4.56
C THR C 439 -29.00 14.11 -3.46
N TYR C 440 -28.26 13.14 -2.94
CA TYR C 440 -27.32 13.45 -1.87
C TYR C 440 -26.07 13.94 -2.57
N MET C 441 -25.69 15.18 -2.29
CA MET C 441 -24.52 15.78 -2.89
C MET C 441 -23.29 14.90 -2.85
N HIS C 442 -22.87 14.53 -1.63
CA HIS C 442 -21.68 13.72 -1.44
C HIS C 442 -21.84 12.24 -1.21
N HIS C 443 -21.99 11.88 0.06
CA HIS C 443 -22.20 10.50 0.40
C HIS C 443 -23.38 10.47 1.32
N PRO C 444 -24.16 9.35 1.26
CA PRO C 444 -25.36 9.17 2.08
C PRO C 444 -25.05 9.09 3.57
N PHE C 445 -23.80 8.85 3.96
CA PHE C 445 -23.48 8.77 5.37
C PHE C 445 -22.96 10.09 5.85
N THR C 446 -23.04 11.07 4.95
CA THR C 446 -22.60 12.43 5.22
C THR C 446 -23.54 13.06 6.23
N SER C 447 -23.00 13.47 7.36
CA SER C 447 -23.82 14.04 8.41
C SER C 447 -24.34 15.44 8.15
N PRO C 448 -25.65 15.66 8.36
CA PRO C 448 -26.16 17.01 8.13
C PRO C 448 -25.57 17.86 9.27
N HIS C 449 -25.74 19.17 9.24
CA HIS C 449 -25.19 19.99 10.33
C HIS C 449 -26.18 19.88 11.48
N PRO C 450 -25.70 19.73 12.72
CA PRO C 450 -26.66 19.62 13.83
C PRO C 450 -27.76 20.69 13.86
N GLU C 451 -27.41 21.94 13.51
CA GLU C 451 -28.40 23.00 13.49
C GLU C 451 -29.47 22.65 12.47
N ASP C 452 -29.09 22.73 11.20
CA ASP C 452 -29.98 22.41 10.09
C ASP C 452 -30.85 21.16 10.27
N LEU C 453 -30.60 20.40 11.32
CA LEU C 453 -31.36 19.18 11.58
C LEU C 453 -32.88 19.33 11.42
N PRO C 454 -33.49 20.30 12.09
CA PRO C 454 -34.95 20.40 11.90
C PRO C 454 -35.33 20.75 10.46
N LEU C 455 -34.34 21.07 9.63
CA LEU C 455 -34.61 21.44 8.24
C LEU C 455 -34.77 20.26 7.30
N LEU C 456 -34.23 19.11 7.67
CA LEU C 456 -34.32 17.94 6.82
C LEU C 456 -35.71 17.73 6.25
N GLU C 457 -36.73 17.87 7.10
CA GLU C 457 -38.11 17.69 6.68
C GLU C 457 -38.77 18.90 6.03
N LYS C 458 -38.69 20.04 6.70
CA LYS C 458 -39.34 21.24 6.21
C LYS C 458 -38.64 22.04 5.10
N ASP C 459 -37.32 21.93 5.02
CA ASP C 459 -36.57 22.66 4.00
C ASP C 459 -35.28 21.92 3.63
N PRO C 460 -35.40 20.83 2.85
CA PRO C 460 -34.28 20.00 2.41
C PRO C 460 -33.14 20.82 1.80
N GLY C 461 -33.49 21.99 1.32
CA GLY C 461 -32.48 22.85 0.70
C GLY C 461 -31.45 23.46 1.63
N ARG C 462 -31.84 24.49 2.36
CA ARG C 462 -30.92 25.19 3.24
C ARG C 462 -30.18 24.32 4.26
N VAL C 463 -30.22 23.00 4.10
CA VAL C 463 -29.55 22.11 5.03
C VAL C 463 -28.11 21.88 4.65
N ARG C 464 -27.20 22.46 5.43
CA ARG C 464 -25.79 22.29 5.14
C ARG C 464 -25.24 21.01 5.72
N ALA C 465 -24.30 20.43 4.97
CA ALA C 465 -23.63 19.19 5.37
C ALA C 465 -22.42 19.58 6.21
N LEU C 466 -21.85 18.59 6.90
CA LEU C 466 -20.66 18.84 7.69
C LEU C 466 -19.56 18.20 6.88
N ALA C 467 -19.54 18.52 5.58
CA ALA C 467 -18.54 17.99 4.66
C ALA C 467 -17.62 19.14 4.26
N TYR C 468 -16.54 18.80 3.55
CA TYR C 468 -15.54 19.79 3.15
C TYR C 468 -14.51 19.27 2.14
N ASP C 469 -14.18 20.11 1.16
CA ASP C 469 -13.17 19.77 0.16
C ASP C 469 -11.91 20.51 0.59
N LEU C 470 -10.77 20.01 0.14
CA LEU C 470 -9.50 20.66 0.40
C LEU C 470 -9.04 20.92 -1.02
N VAL C 471 -8.96 22.18 -1.42
CA VAL C 471 -8.53 22.41 -2.78
C VAL C 471 -7.22 23.18 -2.87
N LEU C 472 -6.42 22.75 -3.85
CA LEU C 472 -5.11 23.32 -4.14
C LEU C 472 -5.06 23.75 -5.61
N ASN C 473 -4.78 25.05 -5.81
CA ASN C 473 -4.67 25.63 -7.13
C ASN C 473 -5.83 25.29 -8.04
N GLY C 474 -7.03 25.42 -7.47
CA GLY C 474 -8.22 25.13 -8.22
C GLY C 474 -8.36 23.63 -8.45
N VAL C 475 -7.74 22.83 -7.60
CA VAL C 475 -7.85 21.39 -7.77
C VAL C 475 -8.32 20.72 -6.50
N GLU C 476 -9.34 19.89 -6.63
CA GLU C 476 -9.85 19.19 -5.46
C GLU C 476 -8.86 18.08 -5.18
N VAL C 477 -8.16 18.19 -4.06
CA VAL C 477 -7.17 17.20 -3.68
C VAL C 477 -7.58 16.46 -2.40
N GLY C 478 -8.67 16.91 -1.80
CA GLY C 478 -9.18 16.30 -0.59
C GLY C 478 -10.67 16.48 -0.48
N GLY C 479 -11.33 15.46 0.07
CA GLY C 479 -12.76 15.48 0.29
C GLY C 479 -12.95 14.98 1.72
N GLY C 480 -14.19 14.84 2.19
CA GLY C 480 -14.39 14.36 3.54
C GLY C 480 -15.55 14.95 4.32
N SER C 481 -16.03 14.23 5.32
CA SER C 481 -17.15 14.70 6.13
C SER C 481 -17.26 14.03 7.48
N ILE C 482 -18.06 14.64 8.34
CA ILE C 482 -18.30 14.06 9.65
C ILE C 482 -19.43 13.11 9.26
N ARG C 483 -19.47 11.92 9.83
CA ARG C 483 -20.49 10.94 9.45
C ARG C 483 -21.61 10.71 10.45
N ILE C 484 -22.68 10.05 9.97
CA ILE C 484 -23.82 9.74 10.82
C ILE C 484 -23.43 8.50 11.63
N HIS C 485 -23.47 8.60 12.95
CA HIS C 485 -23.13 7.45 13.81
C HIS C 485 -24.38 6.95 14.53
N ASP C 486 -25.46 7.72 14.38
CA ASP C 486 -26.76 7.42 14.95
C ASP C 486 -27.65 6.88 13.83
N PRO C 487 -28.08 5.62 13.95
CA PRO C 487 -28.93 4.92 12.98
C PRO C 487 -30.19 5.67 12.62
N ARG C 488 -30.84 6.25 13.62
CA ARG C 488 -32.06 6.99 13.41
C ARG C 488 -31.84 8.16 12.46
N LEU C 489 -30.79 8.94 12.69
CA LEU C 489 -30.53 10.08 11.81
C LEU C 489 -30.34 9.56 10.40
N GLN C 490 -29.36 8.66 10.22
CA GLN C 490 -29.10 8.10 8.91
C GLN C 490 -30.44 7.71 8.28
N ALA C 491 -31.32 7.21 9.13
CA ALA C 491 -32.65 6.77 8.72
C ALA C 491 -33.40 7.95 8.16
N ARG C 492 -33.43 9.05 8.91
CA ARG C 492 -34.15 10.23 8.47
C ARG C 492 -33.55 10.75 7.18
N VAL C 493 -32.23 10.65 7.04
CA VAL C 493 -31.55 11.13 5.84
C VAL C 493 -31.91 10.28 4.64
N PHE C 494 -32.12 8.98 4.89
CA PHE C 494 -32.49 8.07 3.82
C PHE C 494 -33.88 8.41 3.31
N ARG C 495 -34.72 8.92 4.22
CA ARG C 495 -36.07 9.29 3.87
C ARG C 495 -36.09 10.37 2.80
N LEU C 496 -35.19 11.34 2.91
CA LEU C 496 -35.12 12.41 1.93
C LEU C 496 -34.63 11.90 0.59
N LEU C 497 -33.65 11.00 0.63
CA LEU C 497 -33.08 10.46 -0.60
C LEU C 497 -33.92 9.33 -1.20
N GLY C 498 -35.21 9.32 -0.91
CA GLY C 498 -36.11 8.30 -1.44
C GLY C 498 -35.53 6.90 -1.44
N ILE C 499 -34.78 6.58 -0.38
CA ILE C 499 -34.13 5.29 -0.24
C ILE C 499 -34.82 4.33 0.73
N GLY C 500 -35.18 3.15 0.21
CA GLY C 500 -35.85 2.16 1.03
C GLY C 500 -34.94 1.14 1.69
N GLU C 501 -35.55 0.28 2.49
CA GLU C 501 -34.86 -0.77 3.21
C GLU C 501 -34.24 -1.71 2.20
N GLU C 502 -34.87 -1.81 1.04
CA GLU C 502 -34.39 -2.67 -0.02
C GLU C 502 -32.96 -2.28 -0.36
N GLU C 503 -32.81 -1.17 -1.08
CA GLU C 503 -31.50 -0.66 -1.48
C GLU C 503 -30.60 -0.38 -0.28
N GLN C 504 -31.21 0.10 0.80
CA GLN C 504 -30.46 0.40 2.00
C GLN C 504 -29.70 -0.87 2.38
N ARG C 505 -30.43 -1.95 2.62
CA ARG C 505 -29.81 -3.23 2.99
C ARG C 505 -28.80 -3.64 1.93
N GLU C 506 -29.28 -3.72 0.70
CA GLU C 506 -28.47 -4.14 -0.44
C GLU C 506 -27.28 -3.27 -0.79
N LYS C 507 -27.18 -2.09 -0.17
CA LYS C 507 -26.06 -1.23 -0.47
C LYS C 507 -25.20 -0.99 0.76
N PHE C 508 -25.84 -0.79 1.90
CA PHE C 508 -25.11 -0.52 3.14
C PHE C 508 -25.42 -1.52 4.26
N GLY C 509 -26.02 -2.66 3.88
CA GLY C 509 -26.38 -3.68 4.85
C GLY C 509 -25.55 -3.78 6.11
N PHE C 510 -24.45 -4.51 6.03
CA PHE C 510 -23.58 -4.72 7.19
C PHE C 510 -23.20 -3.45 7.93
N PHE C 511 -23.15 -2.32 7.23
CA PHE C 511 -22.77 -1.11 7.90
C PHE C 511 -23.87 -0.46 8.73
N LEU C 512 -25.10 -0.34 8.20
CA LEU C 512 -26.17 0.26 9.02
C LEU C 512 -26.30 -0.66 10.23
N GLU C 513 -26.06 -1.95 9.98
CA GLU C 513 -26.10 -2.97 11.01
C GLU C 513 -25.15 -2.56 12.12
N ALA C 514 -23.87 -2.46 11.79
CA ALA C 514 -22.84 -2.06 12.76
C ALA C 514 -23.24 -0.82 13.53
N LEU C 515 -23.92 0.10 12.88
CA LEU C 515 -24.33 1.32 13.55
C LEU C 515 -25.16 1.04 14.80
N GLU C 516 -25.59 -0.21 14.94
CA GLU C 516 -26.40 -0.64 16.06
C GLU C 516 -25.62 -1.05 17.29
N TYR C 517 -24.32 -1.27 17.13
CA TYR C 517 -23.52 -1.71 18.25
C TYR C 517 -22.68 -0.64 18.91
N GLY C 518 -23.05 0.62 18.70
CA GLY C 518 -22.30 1.70 19.33
C GLY C 518 -21.20 2.34 18.50
N ALA C 519 -21.61 3.06 17.47
CA ALA C 519 -20.68 3.76 16.59
C ALA C 519 -20.43 5.13 17.20
N PRO C 520 -19.16 5.53 17.36
CA PRO C 520 -18.87 6.85 17.93
C PRO C 520 -19.02 7.98 16.93
N PRO C 521 -19.06 9.23 17.40
CA PRO C 521 -19.21 10.26 16.37
C PRO C 521 -17.86 10.27 15.63
N HIS C 522 -17.91 10.17 14.31
CA HIS C 522 -16.68 10.15 13.54
C HIS C 522 -16.80 10.75 12.15
N GLY C 523 -15.69 10.64 11.41
CA GLY C 523 -15.61 11.18 10.07
C GLY C 523 -14.14 11.50 9.86
N GLY C 524 -13.74 11.60 8.59
CA GLY C 524 -12.36 11.88 8.28
C GLY C 524 -12.19 12.62 6.99
N ILE C 525 -11.27 12.13 6.15
CA ILE C 525 -10.97 12.79 4.89
C ILE C 525 -10.04 11.94 4.06
N ALA C 526 -10.16 12.04 2.74
CA ALA C 526 -9.28 11.31 1.84
C ALA C 526 -8.56 12.34 0.98
N TRP C 527 -7.29 12.07 0.66
CA TRP C 527 -6.51 12.95 -0.18
C TRP C 527 -6.24 12.15 -1.44
N GLY C 528 -6.45 12.73 -2.61
CA GLY C 528 -6.14 12.00 -3.83
C GLY C 528 -4.65 12.27 -3.99
N LEU C 529 -3.81 11.41 -3.40
CA LEU C 529 -2.37 11.60 -3.43
C LEU C 529 -1.75 11.87 -4.80
N ASP C 530 -2.23 11.17 -5.82
CA ASP C 530 -1.69 11.37 -7.16
C ASP C 530 -1.75 12.82 -7.63
N ARG C 531 -2.94 13.42 -7.61
CA ARG C 531 -3.02 14.81 -8.03
C ARG C 531 -2.23 15.71 -7.09
N LEU C 532 -2.21 15.41 -5.79
CA LEU C 532 -1.47 16.22 -4.84
C LEU C 532 0.00 16.19 -5.23
N LEU C 533 0.46 15.06 -5.71
CA LEU C 533 1.86 14.99 -6.11
C LEU C 533 2.10 15.68 -7.44
N ALA C 534 1.19 15.51 -8.40
CA ALA C 534 1.38 16.20 -9.66
C ALA C 534 1.58 17.68 -9.34
N LEU C 535 0.68 18.25 -8.53
CA LEU C 535 0.77 19.66 -8.19
C LEU C 535 2.03 20.07 -7.43
N MET C 536 2.46 19.29 -6.45
CA MET C 536 3.65 19.72 -5.73
C MET C 536 4.77 19.63 -6.72
N THR C 537 4.62 18.69 -7.62
CA THR C 537 5.64 18.42 -8.63
C THR C 537 5.59 19.35 -9.84
N GLY C 538 4.42 19.84 -10.18
CA GLY C 538 4.33 20.71 -11.34
C GLY C 538 3.92 19.89 -12.55
N SER C 539 3.93 18.58 -12.43
CA SER C 539 3.52 17.76 -13.55
C SER C 539 2.08 18.13 -13.93
N PRO C 540 1.78 18.10 -15.22
CA PRO C 540 0.45 18.43 -15.71
C PRO C 540 -0.43 17.19 -15.63
N SER C 541 0.21 16.05 -15.42
CA SER C 541 -0.48 14.78 -15.33
C SER C 541 -0.04 14.05 -14.07
N ILE C 542 -0.88 13.16 -13.56
CA ILE C 542 -0.48 12.42 -12.39
C ILE C 542 0.46 11.32 -12.82
N ARG C 543 0.54 11.08 -14.13
CA ARG C 543 1.42 10.05 -14.65
C ARG C 543 2.88 10.32 -14.35
N GLU C 544 3.25 11.59 -14.23
CA GLU C 544 4.64 11.94 -13.97
C GLU C 544 5.02 11.62 -12.54
N VAL C 545 4.02 11.23 -11.74
CA VAL C 545 4.27 10.87 -10.35
C VAL C 545 3.76 9.47 -10.03
N ILE C 546 3.92 8.56 -10.98
CA ILE C 546 3.47 7.19 -10.81
C ILE C 546 4.45 6.28 -11.55
N ALA C 547 5.36 5.65 -10.81
CA ALA C 547 6.35 4.79 -11.42
C ALA C 547 5.92 4.15 -12.76
N PHE C 548 4.76 3.51 -12.81
CA PHE C 548 4.30 2.87 -14.04
C PHE C 548 2.83 3.10 -14.37
N PRO C 549 2.46 4.34 -14.71
CA PRO C 549 1.05 4.57 -15.02
C PRO C 549 0.63 3.90 -16.32
N LYS C 550 -0.67 3.96 -16.60
CA LYS C 550 -1.27 3.40 -17.81
C LYS C 550 -1.47 4.56 -18.80
N ASN C 551 -1.62 4.26 -20.09
CA ASN C 551 -1.83 5.34 -21.05
C ASN C 551 -3.29 5.77 -20.94
N LYS C 552 -3.65 6.85 -21.63
CA LYS C 552 -5.03 7.37 -21.59
C LYS C 552 -6.15 6.33 -21.68
N GLU C 553 -5.92 5.20 -22.35
CA GLU C 553 -6.95 4.17 -22.45
C GLU C 553 -6.79 3.15 -21.34
N GLY C 554 -5.92 3.44 -20.39
CA GLY C 554 -5.69 2.50 -19.32
C GLY C 554 -4.94 1.28 -19.83
N LYS C 555 -4.37 1.36 -21.02
CA LYS C 555 -3.61 0.19 -21.48
C LYS C 555 -2.18 0.44 -20.97
N ASP C 556 -1.43 -0.64 -20.81
CA ASP C 556 -0.07 -0.57 -20.32
C ASP C 556 0.89 -0.96 -21.44
N PRO C 557 1.38 0.05 -22.20
CA PRO C 557 2.30 -0.14 -23.32
C PRO C 557 3.49 -1.00 -22.92
N LEU C 558 4.19 -0.56 -21.87
CA LEU C 558 5.34 -1.30 -21.41
C LEU C 558 5.04 -2.78 -21.23
N THR C 559 3.88 -3.10 -20.65
CA THR C 559 3.60 -4.51 -20.39
C THR C 559 2.66 -5.28 -21.30
N GLY C 560 1.79 -4.59 -22.01
CA GLY C 560 0.87 -5.26 -22.90
C GLY C 560 -0.36 -5.73 -22.17
N ALA C 561 -0.84 -4.89 -21.27
CA ALA C 561 -2.02 -5.20 -20.49
C ALA C 561 -3.01 -4.05 -20.67
N PRO C 562 -4.31 -4.37 -20.70
CA PRO C 562 -4.92 -5.69 -20.55
C PRO C 562 -4.47 -6.60 -21.69
N SER C 563 -4.88 -7.85 -21.64
CA SER C 563 -4.52 -8.81 -22.68
C SER C 563 -5.51 -9.95 -22.67
N PRO C 564 -5.39 -10.88 -23.64
CA PRO C 564 -6.28 -12.03 -23.71
C PRO C 564 -5.66 -13.13 -22.89
N VAL C 565 -6.42 -14.19 -22.63
CA VAL C 565 -5.91 -15.32 -21.87
C VAL C 565 -6.26 -16.59 -22.64
N PRO C 566 -5.70 -17.73 -22.22
CA PRO C 566 -6.01 -18.97 -22.92
C PRO C 566 -7.50 -19.16 -22.81
N GLU C 567 -8.12 -19.78 -23.81
CA GLU C 567 -9.56 -20.00 -23.76
C GLU C 567 -9.88 -20.83 -22.52
N GLU C 568 -9.04 -21.82 -22.22
CA GLU C 568 -9.31 -22.65 -21.07
C GLU C 568 -8.98 -22.02 -19.72
N GLN C 569 -8.15 -20.99 -19.70
CA GLN C 569 -7.82 -20.34 -18.43
C GLN C 569 -9.05 -19.54 -17.98
N LEU C 570 -9.86 -19.11 -18.94
CA LEU C 570 -11.07 -18.33 -18.68
C LEU C 570 -12.17 -19.33 -18.32
N ARG C 571 -12.15 -20.47 -18.99
CA ARG C 571 -13.13 -21.52 -18.75
C ARG C 571 -13.03 -21.99 -17.30
N GLU C 572 -11.79 -22.18 -16.85
CA GLU C 572 -11.51 -22.61 -15.49
C GLU C 572 -12.25 -21.67 -14.54
N LEU C 573 -12.52 -20.47 -15.02
CA LEU C 573 -13.21 -19.45 -14.25
C LEU C 573 -14.69 -19.52 -14.51
N GLY C 574 -15.07 -20.28 -15.54
CA GLY C 574 -16.48 -20.46 -15.85
C GLY C 574 -17.18 -19.32 -16.55
N LEU C 575 -16.45 -18.57 -17.38
CA LEU C 575 -17.07 -17.47 -18.12
C LEU C 575 -16.80 -17.65 -19.60
N MET C 576 -17.46 -16.83 -20.40
CA MET C 576 -17.32 -16.91 -21.85
C MET C 576 -17.43 -15.54 -22.46
N VAL C 577 -16.52 -15.26 -23.38
CA VAL C 577 -16.51 -13.98 -24.06
C VAL C 577 -17.70 -13.91 -25.01
N VAL C 578 -18.72 -13.18 -24.60
CA VAL C 578 -19.90 -13.07 -25.42
C VAL C 578 -20.16 -11.68 -25.96
N ARG C 579 -20.56 -11.67 -27.22
CA ARG C 579 -20.90 -10.45 -27.95
C ARG C 579 -21.48 -10.88 -29.29
N PRO C 580 -20.66 -11.44 -30.19
CA PRO C 580 -21.20 -11.86 -31.50
C PRO C 580 -22.33 -12.89 -31.38
N MET D 1 -16.83 17.27 25.22
CA MET D 1 -16.86 17.52 23.76
C MET D 1 -15.51 17.36 23.07
N ARG D 2 -14.44 17.24 23.83
CA ARG D 2 -13.09 17.03 23.28
C ARG D 2 -12.34 16.33 24.41
N ARG D 3 -12.01 15.05 24.18
CA ARG D 3 -11.28 14.29 25.19
C ARG D 3 -10.11 15.15 25.66
N THR D 4 -9.73 14.95 26.90
CA THR D 4 -8.66 15.68 27.51
C THR D 4 -7.59 14.64 27.70
N HIS D 5 -8.03 13.39 27.63
CA HIS D 5 -7.17 12.21 27.79
C HIS D 5 -7.88 11.03 27.13
N TYR D 6 -7.22 9.87 27.16
CA TYR D 6 -7.77 8.64 26.63
C TYR D 6 -8.30 7.93 27.87
N ALA D 7 -9.50 7.38 27.78
CA ALA D 7 -10.10 6.66 28.91
C ALA D 7 -9.02 5.88 29.65
N GLY D 8 -8.35 4.98 28.94
CA GLY D 8 -7.33 4.18 29.60
C GLY D 8 -5.98 4.80 29.88
N SER D 9 -5.87 6.12 29.79
CA SER D 9 -4.57 6.75 30.04
C SER D 9 -4.37 7.36 31.42
N LEU D 10 -5.47 7.76 32.06
CA LEU D 10 -5.43 8.39 33.38
C LEU D 10 -4.54 7.60 34.33
N ARG D 11 -3.97 8.31 35.29
CA ARG D 11 -3.08 7.65 36.22
C ARG D 11 -2.89 8.41 37.52
N GLU D 12 -2.18 7.76 38.44
CA GLU D 12 -1.88 8.32 39.76
C GLU D 12 -1.68 9.83 39.65
N THR D 13 -0.99 10.22 38.58
CA THR D 13 -0.66 11.60 38.29
C THR D 13 -1.85 12.56 38.21
N HIS D 14 -2.74 12.34 37.25
CA HIS D 14 -3.87 13.23 37.00
C HIS D 14 -4.85 13.53 38.12
N VAL D 15 -4.70 12.87 39.27
CA VAL D 15 -5.60 13.11 40.37
C VAL D 15 -5.82 14.61 40.56
N GLY D 16 -7.06 15.01 40.78
CA GLY D 16 -7.37 16.41 40.98
C GLY D 16 -7.84 17.10 39.72
N GLU D 17 -7.46 16.56 38.57
CA GLU D 17 -7.85 17.16 37.30
C GLU D 17 -9.23 16.79 36.82
N GLU D 18 -10.03 17.79 36.48
CA GLU D 18 -11.34 17.49 35.94
C GLU D 18 -10.99 17.05 34.53
N VAL D 19 -11.70 16.05 34.01
CA VAL D 19 -11.39 15.56 32.67
C VAL D 19 -12.62 15.40 31.82
N VAL D 20 -12.39 15.07 30.55
CA VAL D 20 -13.47 14.86 29.61
C VAL D 20 -13.09 13.61 28.83
N LEU D 21 -13.89 12.57 29.00
CA LEU D 21 -13.62 11.29 28.37
C LEU D 21 -14.63 10.85 27.32
N GLU D 22 -14.16 10.03 26.40
CA GLU D 22 -15.02 9.53 25.35
C GLU D 22 -14.57 8.12 25.14
N GLY D 23 -15.54 7.22 25.08
CA GLY D 23 -15.27 5.82 24.89
C GLY D 23 -16.49 4.94 25.04
N TRP D 24 -16.23 3.63 25.03
CA TRP D 24 -17.29 2.64 25.17
C TRP D 24 -17.42 2.17 26.61
N VAL D 25 -18.65 1.84 26.96
CA VAL D 25 -18.99 1.33 28.29
C VAL D 25 -18.59 -0.14 28.23
N ASN D 26 -17.57 -0.53 28.99
CA ASN D 26 -17.11 -1.91 28.97
C ASN D 26 -18.01 -2.75 29.86
N ARG D 27 -18.29 -2.23 31.05
CA ARG D 27 -19.13 -2.90 32.01
C ARG D 27 -19.86 -1.87 32.85
N ARG D 28 -21.02 -2.25 33.37
CA ARG D 28 -21.77 -1.36 34.23
C ARG D 28 -22.00 -2.15 35.50
N ARG D 29 -21.90 -1.49 36.64
CA ARG D 29 -22.11 -2.15 37.92
C ARG D 29 -22.88 -1.23 38.85
N ASP D 30 -24.20 -1.32 38.75
CA ASP D 30 -25.13 -0.53 39.51
C ASP D 30 -25.37 -1.09 40.92
N LEU D 31 -24.70 -0.50 41.90
CA LEU D 31 -24.84 -0.89 43.29
C LEU D 31 -25.96 0.00 43.82
N GLY D 32 -26.97 0.23 42.98
CA GLY D 32 -28.11 1.05 43.37
C GLY D 32 -27.88 2.54 43.53
N GLY D 33 -27.57 2.96 44.75
CA GLY D 33 -27.34 4.36 45.02
C GLY D 33 -25.88 4.68 44.82
N LEU D 34 -25.26 3.99 43.86
CA LEU D 34 -23.86 4.20 43.57
C LEU D 34 -23.52 3.44 42.32
N ILE D 35 -23.39 4.14 41.19
CA ILE D 35 -23.06 3.45 39.95
C ILE D 35 -21.58 3.55 39.61
N PHE D 36 -21.07 2.46 39.05
CA PHE D 36 -19.69 2.36 38.64
C PHE D 36 -19.74 1.92 37.19
N LEU D 37 -18.85 2.50 36.38
CA LEU D 37 -18.76 2.18 34.97
C LEU D 37 -17.29 1.97 34.59
N ASP D 38 -17.01 0.90 33.86
CA ASP D 38 -15.65 0.70 33.39
C ASP D 38 -15.73 1.26 31.98
N LEU D 39 -15.24 2.49 31.84
CA LEU D 39 -15.24 3.20 30.57
C LEU D 39 -14.03 2.77 29.77
N ARG D 40 -14.24 2.60 28.47
CA ARG D 40 -13.18 2.13 27.59
C ARG D 40 -12.80 2.92 26.29
N ASP D 41 -11.51 2.85 25.94
CA ASP D 41 -10.97 3.39 24.69
C ASP D 41 -9.62 2.67 24.41
N ARG D 42 -9.24 2.58 23.15
CA ARG D 42 -8.02 1.88 22.70
C ARG D 42 -6.80 1.85 23.62
N GLU D 43 -6.82 2.64 24.69
CA GLU D 43 -5.72 2.71 25.62
C GLU D 43 -6.08 2.04 26.94
N GLY D 44 -7.23 1.37 27.01
CA GLY D 44 -7.62 0.71 28.24
C GLY D 44 -8.89 1.21 28.91
N LEU D 45 -9.16 0.67 30.09
CA LEU D 45 -10.33 1.02 30.87
C LEU D 45 -10.00 2.00 31.97
N VAL D 46 -11.00 2.78 32.34
CA VAL D 46 -10.84 3.70 33.44
C VAL D 46 -12.20 3.64 34.08
N GLN D 47 -12.23 3.70 35.40
CA GLN D 47 -13.47 3.61 36.13
C GLN D 47 -14.13 4.95 36.38
N LEU D 48 -15.42 5.01 36.05
CA LEU D 48 -16.18 6.23 36.29
C LEU D 48 -17.08 5.87 37.46
N VAL D 49 -17.15 6.77 38.43
CA VAL D 49 -17.96 6.61 39.61
C VAL D 49 -19.07 7.64 39.54
N ALA D 50 -20.31 7.19 39.75
CA ALA D 50 -21.43 8.10 39.73
C ALA D 50 -22.05 8.04 41.10
N HIS D 51 -22.60 9.18 41.52
CA HIS D 51 -23.26 9.26 42.81
C HIS D 51 -24.64 9.78 42.51
N PRO D 52 -25.61 9.47 43.38
CA PRO D 52 -26.99 9.91 43.18
C PRO D 52 -27.06 11.43 43.18
N ALA D 53 -26.15 12.04 43.94
CA ALA D 53 -26.06 13.48 44.08
C ALA D 53 -25.72 14.16 42.75
N SER D 54 -24.79 13.57 42.00
CA SER D 54 -24.34 14.10 40.71
C SER D 54 -25.34 13.90 39.59
N PRO D 55 -25.43 14.89 38.69
CA PRO D 55 -26.33 14.88 37.52
C PRO D 55 -25.99 13.77 36.53
N ALA D 56 -24.80 13.19 36.68
CA ALA D 56 -24.36 12.09 35.80
C ALA D 56 -25.26 10.88 36.06
N TYR D 57 -25.40 10.55 37.33
CA TYR D 57 -26.21 9.42 37.83
C TYR D 57 -27.45 9.07 37.02
N ALA D 58 -28.27 10.06 36.70
CA ALA D 58 -29.49 9.83 35.94
C ALA D 58 -29.15 8.94 34.75
N THR D 59 -28.42 9.51 33.82
CA THR D 59 -28.00 8.82 32.61
C THR D 59 -27.10 7.64 32.96
N ALA D 60 -26.27 7.83 33.98
CA ALA D 60 -25.34 6.81 34.45
C ALA D 60 -26.04 5.51 34.81
N GLU D 61 -27.35 5.46 34.60
CA GLU D 61 -28.11 4.27 34.94
C GLU D 61 -28.90 3.64 33.80
N ARG D 62 -29.01 4.33 32.67
CA ARG D 62 -29.74 3.75 31.54
C ARG D 62 -28.75 3.23 30.52
N VAL D 63 -27.48 3.42 30.84
CA VAL D 63 -26.39 3.01 29.98
C VAL D 63 -26.09 1.51 30.14
N ARG D 64 -25.97 0.80 29.01
CA ARG D 64 -25.62 -0.62 29.05
C ARG D 64 -24.24 -0.75 28.38
N PRO D 65 -23.67 -1.95 28.31
CA PRO D 65 -22.35 -1.99 27.65
C PRO D 65 -22.39 -1.65 26.17
N GLU D 66 -21.25 -1.24 25.65
CA GLU D 66 -21.08 -0.88 24.24
C GLU D 66 -21.78 0.42 23.89
N TRP D 67 -22.21 1.12 24.93
CA TRP D 67 -22.85 2.39 24.76
C TRP D 67 -21.66 3.32 24.63
N VAL D 68 -21.81 4.37 23.85
CA VAL D 68 -20.71 5.31 23.68
C VAL D 68 -21.11 6.54 24.42
N VAL D 69 -20.28 6.93 25.38
CA VAL D 69 -20.60 8.09 26.21
C VAL D 69 -19.46 9.09 26.43
N ARG D 70 -19.83 10.30 26.86
CA ARG D 70 -18.88 11.36 27.12
C ARG D 70 -18.83 11.65 28.62
N ALA D 71 -17.90 10.98 29.29
CA ALA D 71 -17.72 11.12 30.73
C ALA D 71 -17.00 12.38 31.14
N LYS D 72 -17.72 13.30 31.78
CA LYS D 72 -17.12 14.54 32.24
C LYS D 72 -17.12 14.44 33.75
N GLY D 73 -15.96 14.16 34.34
CA GLY D 73 -15.88 14.02 35.78
C GLY D 73 -14.76 14.81 36.44
N LEU D 74 -14.01 14.12 37.29
CA LEU D 74 -12.91 14.71 38.03
C LEU D 74 -12.07 13.59 38.66
N VAL D 75 -10.84 13.39 38.19
CA VAL D 75 -10.03 12.30 38.74
C VAL D 75 -9.80 12.36 40.26
N ARG D 76 -10.01 11.21 40.91
CA ARG D 76 -9.83 11.05 42.34
C ARG D 76 -8.99 9.77 42.52
N LEU D 77 -8.40 9.57 43.69
CA LEU D 77 -7.60 8.37 43.92
C LEU D 77 -8.53 7.27 44.45
N ARG D 78 -8.39 6.06 43.92
CA ARG D 78 -9.22 4.95 44.35
C ARG D 78 -8.89 4.50 45.76
N PRO D 79 -9.91 4.12 46.55
CA PRO D 79 -9.72 3.67 47.92
C PRO D 79 -9.28 2.22 47.81
N GLU D 80 -9.82 1.54 46.82
CA GLU D 80 -9.46 0.17 46.60
C GLU D 80 -8.80 0.01 45.24
N PRO D 81 -7.48 0.24 45.20
CA PRO D 81 -6.71 0.14 43.96
C PRO D 81 -6.87 -1.22 43.30
N ASN D 82 -7.19 -1.20 42.02
CA ASN D 82 -7.37 -2.43 41.28
C ASN D 82 -6.04 -2.76 40.60
N PRO D 83 -5.25 -3.64 41.24
CA PRO D 83 -3.95 -4.05 40.71
C PRO D 83 -3.97 -4.53 39.26
N ARG D 84 -5.16 -4.87 38.76
CA ARG D 84 -5.28 -5.39 37.40
C ARG D 84 -5.49 -4.39 36.28
N LEU D 85 -5.61 -3.10 36.62
CA LEU D 85 -5.79 -2.10 35.58
C LEU D 85 -4.70 -1.05 35.63
N ALA D 86 -4.37 -0.51 34.46
CA ALA D 86 -3.35 0.53 34.32
C ALA D 86 -3.84 1.74 35.11
N THR D 87 -5.15 1.95 35.04
CA THR D 87 -5.83 3.04 35.73
C THR D 87 -6.24 2.62 37.14
N GLY D 88 -5.77 1.44 37.55
CA GLY D 88 -6.09 0.87 38.85
C GLY D 88 -6.16 1.77 40.08
N ARG D 89 -5.27 2.76 40.17
CA ARG D 89 -5.26 3.66 41.32
C ARG D 89 -6.24 4.79 41.28
N VAL D 90 -7.06 4.87 40.24
CA VAL D 90 -8.01 5.97 40.20
C VAL D 90 -9.29 5.67 39.46
N GLU D 91 -10.19 6.63 39.59
CA GLU D 91 -11.48 6.56 38.97
C GLU D 91 -11.87 8.01 38.77
N VAL D 92 -12.92 8.24 38.02
CA VAL D 92 -13.37 9.59 37.75
C VAL D 92 -14.76 9.72 38.33
N GLU D 93 -14.94 10.71 39.19
CA GLU D 93 -16.22 10.93 39.83
C GLU D 93 -17.16 11.69 38.92
N LEU D 94 -17.89 10.95 38.10
CA LEU D 94 -18.81 11.54 37.13
C LEU D 94 -19.62 12.75 37.56
N SER D 95 -19.15 13.91 37.11
CA SER D 95 -19.83 15.18 37.39
C SER D 95 -20.86 15.32 36.28
N ALA D 96 -20.69 14.50 35.24
CA ALA D 96 -21.60 14.52 34.12
C ALA D 96 -21.36 13.34 33.19
N LEU D 97 -22.43 12.93 32.49
CA LEU D 97 -22.33 11.82 31.57
C LEU D 97 -23.36 12.00 30.49
N GLU D 98 -22.93 11.81 29.25
CA GLU D 98 -23.86 11.94 28.14
C GLU D 98 -23.67 10.74 27.21
N VAL D 99 -24.77 10.34 26.59
CA VAL D 99 -24.76 9.20 25.71
C VAL D 99 -24.66 9.65 24.26
N LEU D 100 -23.56 9.34 23.60
CA LEU D 100 -23.41 9.74 22.22
C LEU D 100 -23.97 8.61 21.38
N ALA D 101 -23.93 7.39 21.90
CA ALA D 101 -24.43 6.25 21.16
C ALA D 101 -24.89 5.12 22.06
N GLU D 102 -25.95 4.43 21.62
CA GLU D 102 -26.46 3.30 22.35
C GLU D 102 -26.11 2.08 21.55
N ALA D 103 -26.02 0.94 22.22
CA ALA D 103 -25.68 -0.28 21.53
C ALA D 103 -26.60 -1.42 21.95
N LYS D 104 -26.75 -2.40 21.07
CA LYS D 104 -27.56 -3.55 21.38
C LYS D 104 -26.55 -4.57 21.87
N THR D 105 -26.92 -5.84 21.93
CA THR D 105 -25.95 -6.79 22.45
C THR D 105 -25.02 -7.48 21.49
N PRO D 106 -23.72 -7.29 21.72
CA PRO D 106 -22.63 -7.86 20.94
C PRO D 106 -22.76 -9.37 20.77
N PRO D 107 -22.64 -9.85 19.52
CA PRO D 107 -22.74 -11.28 19.23
C PRO D 107 -21.77 -12.15 20.03
N PHE D 108 -20.73 -11.55 20.58
CA PHE D 108 -19.80 -12.29 21.41
C PHE D 108 -19.29 -11.28 22.40
N PRO D 109 -18.67 -11.73 23.50
CA PRO D 109 -18.15 -10.78 24.49
C PRO D 109 -16.94 -10.05 23.91
N VAL D 110 -16.70 -8.85 24.43
CA VAL D 110 -15.64 -8.01 23.93
C VAL D 110 -14.90 -7.24 25.03
N ASP D 111 -15.30 -7.48 26.28
CA ASP D 111 -14.72 -6.78 27.43
C ASP D 111 -13.68 -7.56 28.24
N ALA D 112 -13.57 -8.86 27.94
CA ALA D 112 -12.65 -9.74 28.65
C ALA D 112 -11.19 -9.31 28.69
N GLY D 113 -10.57 -9.15 27.52
CA GLY D 113 -9.17 -8.75 27.47
C GLY D 113 -8.87 -7.39 28.05
N TRP D 114 -9.84 -6.48 28.02
CA TRP D 114 -9.62 -5.15 28.55
C TRP D 114 -9.52 -5.16 30.06
N ARG D 115 -9.65 -6.35 30.64
CA ARG D 115 -9.52 -6.51 32.09
C ARG D 115 -8.27 -7.31 32.33
N GLY D 116 -7.76 -7.93 31.27
CA GLY D 116 -6.57 -8.74 31.38
C GLY D 116 -6.95 -10.20 31.46
N GLU D 117 -8.23 -10.47 31.23
CA GLU D 117 -8.75 -11.82 31.30
C GLU D 117 -8.68 -12.65 30.01
N GLU D 118 -8.14 -13.87 30.13
CA GLU D 118 -8.06 -14.78 28.98
C GLU D 118 -9.41 -14.65 28.27
N GLU D 119 -9.42 -14.80 26.95
CA GLU D 119 -10.67 -14.66 26.23
C GLU D 119 -11.16 -15.91 25.55
N LYS D 120 -12.46 -16.16 25.68
CA LYS D 120 -13.08 -17.31 25.06
C LYS D 120 -12.95 -17.10 23.54
N GLU D 121 -12.41 -18.06 22.81
CA GLU D 121 -12.32 -17.85 21.37
C GLU D 121 -13.66 -18.11 20.69
N ALA D 122 -14.37 -17.03 20.35
CA ALA D 122 -15.66 -17.12 19.67
C ALA D 122 -15.54 -17.85 18.33
N SER D 123 -16.65 -17.93 17.58
CA SER D 123 -16.58 -18.61 16.28
C SER D 123 -15.96 -17.73 15.20
N GLU D 124 -14.77 -18.11 14.72
CA GLU D 124 -14.09 -17.34 13.69
C GLU D 124 -15.12 -16.74 12.72
N GLU D 125 -15.98 -17.58 12.14
CA GLU D 125 -16.98 -17.09 11.21
C GLU D 125 -17.85 -15.98 11.79
N LEU D 126 -18.16 -16.08 13.08
CA LEU D 126 -18.99 -15.08 13.73
C LEU D 126 -18.15 -13.81 13.86
N ARG D 127 -16.88 -14.01 14.19
CA ARG D 127 -15.91 -12.94 14.36
C ARG D 127 -15.70 -12.16 13.05
N LEU D 128 -15.69 -12.89 11.93
CA LEU D 128 -15.53 -12.26 10.63
C LEU D 128 -16.79 -11.50 10.27
N LYS D 129 -17.92 -12.18 10.31
CA LYS D 129 -19.21 -11.54 10.01
C LYS D 129 -19.38 -10.25 10.81
N TYR D 130 -18.89 -10.22 12.06
CA TYR D 130 -18.99 -9.02 12.91
C TYR D 130 -17.61 -8.54 13.34
N ARG D 131 -16.68 -8.50 12.39
CA ARG D 131 -15.30 -8.09 12.64
C ARG D 131 -15.13 -6.69 13.23
N TYR D 132 -16.09 -5.79 13.01
CA TYR D 132 -15.94 -4.48 13.62
C TYR D 132 -16.16 -4.65 15.13
N LEU D 133 -17.01 -5.61 15.51
CA LEU D 133 -17.19 -5.84 16.92
C LEU D 133 -15.95 -6.57 17.41
N ASP D 134 -15.54 -7.60 16.68
CA ASP D 134 -14.36 -8.34 17.09
C ASP D 134 -13.11 -7.49 17.27
N LEU D 135 -12.92 -6.50 16.39
CA LEU D 135 -11.74 -5.64 16.46
C LEU D 135 -11.76 -4.73 17.68
N ARG D 136 -12.84 -4.79 18.48
CA ARG D 136 -12.91 -3.97 19.69
C ARG D 136 -12.12 -4.66 20.78
N ARG D 137 -11.83 -5.93 20.55
CA ARG D 137 -11.07 -6.76 21.47
C ARG D 137 -9.63 -6.27 21.57
N ARG D 138 -9.14 -6.11 22.79
CA ARG D 138 -7.78 -5.66 22.98
C ARG D 138 -6.71 -6.43 22.19
N ARG D 139 -6.71 -7.76 22.25
CA ARG D 139 -5.69 -8.51 21.52
C ARG D 139 -5.72 -8.08 20.07
N MET D 140 -6.87 -8.24 19.44
CA MET D 140 -7.04 -7.84 18.05
C MET D 140 -6.36 -6.51 17.75
N GLN D 141 -6.60 -5.53 18.61
CA GLN D 141 -6.01 -4.22 18.43
C GLN D 141 -4.54 -4.30 18.70
N GLU D 142 -4.19 -4.80 19.87
CA GLU D 142 -2.79 -4.96 20.29
C GLU D 142 -2.04 -5.46 19.07
N ASN D 143 -2.68 -6.35 18.31
CA ASN D 143 -2.14 -6.92 17.08
C ASN D 143 -2.01 -5.86 16.01
N LEU D 144 -3.15 -5.40 15.50
CA LEU D 144 -3.17 -4.39 14.46
C LEU D 144 -2.21 -3.25 14.77
N ARG D 145 -2.06 -2.89 16.04
CA ARG D 145 -1.15 -1.82 16.43
C ARG D 145 0.31 -2.26 16.27
N LEU D 146 0.56 -3.56 16.35
CA LEU D 146 1.93 -4.05 16.19
C LEU D 146 2.23 -4.03 14.71
N ARG D 147 1.24 -4.39 13.90
CA ARG D 147 1.45 -4.36 12.47
C ARG D 147 1.96 -2.95 12.21
N HIS D 148 1.19 -1.96 12.66
CA HIS D 148 1.56 -0.55 12.49
C HIS D 148 3.03 -0.39 12.84
N ARG D 149 3.33 -0.57 14.13
CA ARG D 149 4.68 -0.46 14.66
C ARG D 149 5.67 -1.20 13.75
N VAL D 150 5.34 -2.43 13.36
CA VAL D 150 6.26 -3.15 12.50
C VAL D 150 6.49 -2.41 11.18
N ILE D 151 5.43 -2.16 10.42
CA ILE D 151 5.60 -1.47 9.15
C ILE D 151 6.26 -0.09 9.29
N LYS D 152 5.78 0.72 10.23
CA LYS D 152 6.36 2.03 10.42
C LYS D 152 7.86 1.90 10.67
N ALA D 153 8.28 0.83 11.33
CA ALA D 153 9.69 0.63 11.64
C ALA D 153 10.48 0.19 10.43
N ILE D 154 9.77 -0.27 9.41
CA ILE D 154 10.45 -0.70 8.20
C ILE D 154 10.76 0.54 7.39
N TRP D 155 9.77 1.42 7.33
CA TRP D 155 9.91 2.67 6.64
C TRP D 155 11.07 3.40 7.26
N ASP D 156 11.02 3.51 8.58
CA ASP D 156 12.07 4.20 9.30
C ASP D 156 13.45 3.71 8.98
N PHE D 157 13.61 2.39 8.96
CA PHE D 157 14.92 1.82 8.67
C PHE D 157 15.26 1.92 7.18
N LEU D 158 14.45 1.32 6.32
CA LEU D 158 14.71 1.34 4.89
C LEU D 158 14.95 2.75 4.32
N ASP D 159 14.36 3.74 4.97
CA ASP D 159 14.52 5.15 4.61
C ASP D 159 15.98 5.43 4.92
N ARG D 160 16.27 5.48 6.21
CA ARG D 160 17.60 5.72 6.71
C ARG D 160 18.63 4.98 5.84
N GLU D 161 18.28 3.78 5.39
CA GLU D 161 19.18 2.98 4.57
C GLU D 161 19.15 3.30 3.06
N GLY D 162 18.46 4.38 2.70
CA GLY D 162 18.45 4.81 1.32
C GLY D 162 17.43 4.33 0.30
N PHE D 163 16.59 3.37 0.65
CA PHE D 163 15.60 2.85 -0.28
C PHE D 163 14.55 3.91 -0.66
N VAL D 164 14.00 3.80 -1.86
CA VAL D 164 12.96 4.72 -2.27
C VAL D 164 11.67 3.88 -2.26
N GLN D 165 10.66 4.28 -1.49
CA GLN D 165 9.43 3.48 -1.50
C GLN D 165 8.81 3.70 -2.87
N VAL D 166 8.43 2.63 -3.54
CA VAL D 166 7.88 2.77 -4.87
C VAL D 166 6.70 1.83 -5.05
N GLU D 167 5.58 2.44 -5.36
CA GLU D 167 4.34 1.74 -5.55
C GLU D 167 4.20 1.25 -6.96
N THR D 168 4.04 -0.06 -7.04
CA THR D 168 3.92 -0.80 -8.25
C THR D 168 2.49 -1.04 -8.70
N PRO D 169 2.27 -1.16 -10.00
CA PRO D 169 0.94 -1.39 -10.59
C PRO D 169 0.14 -2.52 -9.93
N PHE D 170 -1.20 -2.40 -9.93
CA PHE D 170 -2.05 -3.46 -9.38
C PHE D 170 -2.73 -4.23 -10.49
N LEU D 171 -2.88 -3.57 -11.64
CA LEU D 171 -3.48 -4.16 -12.82
C LEU D 171 -2.33 -4.42 -13.80
N THR D 172 -2.03 -5.69 -14.05
CA THR D 172 -0.91 -6.03 -14.95
C THR D 172 -1.40 -6.96 -16.07
N LYS D 173 -0.37 -7.53 -16.71
CA LYS D 173 -0.55 -8.45 -17.81
C LYS D 173 -0.63 -9.86 -17.23
N SER D 174 -1.41 -10.73 -17.85
CA SER D 174 -1.55 -12.09 -17.36
C SER D 174 -0.64 -13.05 -18.11
N THR D 175 0.19 -13.77 -17.38
CA THR D 175 1.12 -14.72 -17.98
C THR D 175 0.68 -16.17 -17.80
N PRO D 176 0.97 -17.04 -18.80
CA PRO D 176 0.60 -18.44 -18.75
C PRO D 176 1.28 -19.16 -17.59
N GLU D 177 2.60 -18.98 -17.49
CA GLU D 177 3.37 -19.62 -16.43
C GLU D 177 2.98 -19.04 -15.07
N GLY D 178 3.53 -19.64 -14.02
CA GLY D 178 3.24 -19.20 -12.66
C GLY D 178 1.89 -19.66 -12.14
N ALA D 179 1.60 -19.30 -10.89
CA ALA D 179 0.33 -19.67 -10.27
C ALA D 179 -0.80 -19.01 -11.06
N ARG D 180 -2.04 -19.30 -10.67
CA ARG D 180 -3.19 -18.72 -11.34
C ARG D 180 -3.35 -17.26 -10.90
N ASP D 181 -3.60 -16.38 -11.86
CA ASP D 181 -3.79 -14.96 -11.57
C ASP D 181 -5.26 -14.67 -11.30
N PHE D 182 -5.52 -13.61 -10.55
CA PHE D 182 -6.88 -13.14 -10.28
C PHE D 182 -7.09 -12.14 -11.41
N LEU D 183 -7.96 -12.45 -12.37
CA LEU D 183 -8.17 -11.56 -13.51
C LEU D 183 -9.16 -10.43 -13.27
N VAL D 184 -9.11 -9.44 -14.17
CA VAL D 184 -10.00 -8.29 -14.10
C VAL D 184 -10.40 -7.92 -15.52
N PRO D 185 -11.65 -8.20 -15.90
CA PRO D 185 -12.15 -7.90 -17.25
C PRO D 185 -11.95 -6.46 -17.70
N TYR D 186 -11.48 -6.30 -18.94
CA TYR D 186 -11.27 -4.99 -19.53
C TYR D 186 -12.61 -4.66 -20.15
N ARG D 187 -13.28 -3.66 -19.59
CA ARG D 187 -14.59 -3.29 -20.07
C ARG D 187 -14.66 -3.01 -21.58
N HIS D 188 -13.82 -2.11 -22.05
CA HIS D 188 -13.81 -1.70 -23.45
C HIS D 188 -13.48 -2.74 -24.50
N GLU D 189 -12.80 -3.82 -24.13
CA GLU D 189 -12.46 -4.85 -25.12
C GLU D 189 -12.71 -6.26 -24.58
N PRO D 190 -14.00 -6.66 -24.45
CA PRO D 190 -14.30 -8.00 -23.94
C PRO D 190 -13.36 -9.07 -24.52
N GLY D 191 -12.79 -9.87 -23.63
CA GLY D 191 -11.86 -10.91 -24.02
C GLY D 191 -10.52 -10.55 -23.44
N LEU D 192 -10.34 -9.26 -23.18
CA LEU D 192 -9.11 -8.72 -22.61
C LEU D 192 -9.13 -8.66 -21.09
N PHE D 193 -7.98 -8.97 -20.50
CA PHE D 193 -7.86 -9.01 -19.06
C PHE D 193 -6.65 -8.38 -18.42
N TYR D 194 -6.86 -8.00 -17.17
CA TYR D 194 -5.83 -7.42 -16.33
C TYR D 194 -5.51 -8.54 -15.37
N ALA D 195 -4.41 -8.43 -14.66
CA ALA D 195 -4.08 -9.46 -13.70
C ALA D 195 -3.53 -8.80 -12.47
N LEU D 196 -4.08 -9.15 -11.30
CA LEU D 196 -3.58 -8.57 -10.07
C LEU D 196 -2.17 -9.14 -9.90
N PRO D 197 -1.26 -8.35 -9.35
CA PRO D 197 0.12 -8.82 -9.17
C PRO D 197 0.32 -10.03 -8.29
N GLN D 198 1.14 -10.97 -8.78
CA GLN D 198 1.47 -12.15 -7.99
C GLN D 198 2.55 -11.59 -7.07
N SER D 199 3.52 -10.94 -7.69
CA SER D 199 4.65 -10.33 -7.00
C SER D 199 5.09 -9.10 -7.78
N PRO D 200 5.50 -8.04 -7.07
CA PRO D 200 5.96 -6.83 -7.76
C PRO D 200 7.35 -7.01 -8.37
N GLN D 201 7.72 -8.25 -8.66
CA GLN D 201 9.03 -8.61 -9.23
C GLN D 201 9.49 -7.90 -10.50
N LEU D 202 8.87 -8.22 -11.64
CA LEU D 202 9.34 -7.58 -12.86
C LEU D 202 9.46 -6.07 -12.74
N PHE D 203 8.53 -5.43 -12.03
CA PHE D 203 8.63 -4.00 -11.87
C PHE D 203 9.82 -3.60 -11.01
N LYS D 204 10.00 -4.26 -9.88
CA LYS D 204 11.11 -3.89 -9.00
C LYS D 204 12.45 -3.91 -9.72
N GLN D 205 12.69 -4.95 -10.52
CA GLN D 205 13.94 -5.04 -11.25
C GLN D 205 14.10 -3.89 -12.23
N MET D 206 13.01 -3.52 -12.91
CA MET D 206 13.05 -2.40 -13.85
C MET D 206 13.47 -1.14 -13.07
N LEU D 207 13.04 -1.06 -11.82
CA LEU D 207 13.40 0.08 -10.98
C LEU D 207 14.91 0.09 -10.70
N MET D 208 15.54 -1.07 -10.85
CA MET D 208 16.99 -1.18 -10.63
C MET D 208 17.61 -0.63 -11.89
N VAL D 209 17.20 -1.27 -12.99
CA VAL D 209 17.54 -0.98 -14.37
C VAL D 209 17.34 0.50 -14.61
N ALA D 210 16.29 1.05 -14.02
CA ALA D 210 15.97 2.44 -14.17
C ALA D 210 16.88 3.33 -13.35
N GLY D 211 17.76 2.72 -12.58
CA GLY D 211 18.69 3.52 -11.83
C GLY D 211 18.42 4.00 -10.42
N LEU D 212 17.31 3.60 -9.80
CA LEU D 212 17.11 3.99 -8.41
C LEU D 212 18.07 3.02 -7.73
N ASP D 213 18.68 3.39 -6.63
CA ASP D 213 19.66 2.46 -6.08
C ASP D 213 19.03 1.27 -5.38
N ARG D 214 18.13 1.60 -4.47
CA ARG D 214 17.44 0.64 -3.67
C ARG D 214 15.99 1.13 -3.49
N TYR D 215 15.05 0.19 -3.66
CA TYR D 215 13.61 0.44 -3.56
C TYR D 215 12.95 -0.57 -2.60
N PHE D 216 11.82 -0.19 -2.00
CA PHE D 216 11.04 -1.06 -1.12
C PHE D 216 9.56 -0.75 -1.27
N GLN D 217 8.74 -1.69 -0.85
CA GLN D 217 7.28 -1.55 -0.98
C GLN D 217 6.60 -2.53 -0.04
N ILE D 218 5.49 -2.13 0.56
CA ILE D 218 4.76 -3.05 1.38
C ILE D 218 3.67 -3.33 0.37
N ALA D 219 3.93 -4.29 -0.50
CA ALA D 219 3.00 -4.64 -1.57
C ALA D 219 1.87 -5.60 -1.19
N ARG D 220 0.86 -5.64 -2.05
CA ARG D 220 -0.27 -6.52 -1.88
C ARG D 220 -0.23 -7.49 -3.04
N CYS D 221 0.21 -8.70 -2.77
CA CYS D 221 0.29 -9.71 -3.79
C CYS D 221 -1.01 -10.52 -3.88
N PHE D 222 -1.30 -11.04 -5.08
CA PHE D 222 -2.52 -11.81 -5.29
C PHE D 222 -2.32 -13.15 -5.94
N ARG D 223 -2.85 -14.18 -5.30
CA ARG D 223 -2.72 -15.50 -5.84
C ARG D 223 -4.02 -16.27 -5.72
N ASP D 224 -4.55 -16.75 -6.85
CA ASP D 224 -5.81 -17.48 -6.85
C ASP D 224 -5.58 -18.99 -6.74
N GLU D 225 -4.86 -19.42 -5.71
CA GLU D 225 -4.61 -20.83 -5.48
C GLU D 225 -5.42 -21.07 -4.24
N ASP D 226 -5.64 -22.32 -3.82
CA ASP D 226 -6.43 -22.36 -2.59
C ASP D 226 -5.75 -22.31 -1.26
N LEU D 227 -6.38 -21.48 -0.46
CA LEU D 227 -6.06 -21.13 0.90
C LEU D 227 -5.89 -22.38 1.77
N ARG D 228 -5.54 -23.51 1.14
CA ARG D 228 -5.40 -24.82 1.77
C ARG D 228 -4.61 -24.63 3.06
N ALA D 229 -3.50 -23.90 2.99
CA ALA D 229 -2.71 -23.64 4.19
C ALA D 229 -3.42 -22.47 4.87
N ASP D 230 -2.71 -21.67 5.64
CA ASP D 230 -3.37 -20.53 6.25
C ASP D 230 -3.17 -19.40 5.25
N ARG D 231 -3.94 -19.42 4.16
CA ARG D 231 -3.74 -18.41 3.14
C ARG D 231 -4.94 -17.56 2.78
N GLN D 232 -4.67 -16.33 2.37
CA GLN D 232 -5.69 -15.41 1.94
C GLN D 232 -5.50 -15.34 0.44
N PRO D 233 -6.56 -15.01 -0.31
CA PRO D 233 -6.44 -14.91 -1.76
C PRO D 233 -5.44 -13.81 -2.04
N ASP D 234 -5.26 -12.92 -1.07
CA ASP D 234 -4.32 -11.84 -1.21
C ASP D 234 -3.59 -11.45 0.08
N PHE D 235 -2.27 -11.58 0.02
CA PHE D 235 -1.37 -11.28 1.13
C PHE D 235 -0.58 -9.97 0.95
N THR D 236 0.33 -9.77 1.90
CA THR D 236 1.17 -8.61 2.01
C THR D 236 2.63 -9.02 2.18
N GLN D 237 3.49 -8.46 1.34
CA GLN D 237 4.92 -8.75 1.42
C GLN D 237 5.69 -7.46 1.49
N LEU D 238 6.79 -7.48 2.24
CA LEU D 238 7.66 -6.32 2.27
C LEU D 238 8.47 -6.67 1.05
N ASP D 239 8.38 -5.84 0.01
CA ASP D 239 9.11 -6.07 -1.23
C ASP D 239 10.33 -5.17 -1.21
N LEU D 240 11.46 -5.69 -1.69
CA LEU D 240 12.69 -4.90 -1.61
C LEU D 240 13.77 -5.28 -2.63
N GLU D 241 14.31 -4.32 -3.36
CA GLU D 241 15.37 -4.66 -4.32
C GLU D 241 16.56 -3.74 -4.17
N MET D 242 17.74 -4.27 -4.46
CA MET D 242 18.96 -3.49 -4.36
C MET D 242 19.81 -3.66 -5.60
N SER D 243 20.69 -2.69 -5.84
CA SER D 243 21.58 -2.74 -6.99
C SER D 243 23.01 -2.82 -6.45
N PHE D 244 23.95 -3.24 -7.29
CA PHE D 244 25.35 -3.35 -6.93
C PHE D 244 25.53 -4.06 -5.61
N VAL D 245 24.82 -5.18 -5.51
CA VAL D 245 24.85 -6.04 -4.35
C VAL D 245 25.16 -7.46 -4.70
N GLU D 246 25.37 -8.22 -3.64
CA GLU D 246 25.64 -9.65 -3.69
C GLU D 246 24.94 -10.23 -2.48
N VAL D 247 24.68 -11.51 -2.50
CA VAL D 247 24.00 -12.11 -1.39
C VAL D 247 24.36 -11.53 -0.02
N GLU D 248 25.63 -11.44 0.32
CA GLU D 248 25.98 -10.91 1.63
C GLU D 248 25.36 -9.54 1.93
N ASP D 249 25.35 -8.67 0.93
CA ASP D 249 24.79 -7.32 1.08
C ASP D 249 23.31 -7.41 1.39
N VAL D 250 22.62 -8.23 0.61
CA VAL D 250 21.19 -8.41 0.82
C VAL D 250 20.95 -8.98 2.21
N LEU D 251 21.73 -9.98 2.60
CA LEU D 251 21.55 -10.62 3.90
C LEU D 251 21.89 -9.73 5.09
N GLU D 252 22.94 -8.93 4.99
CA GLU D 252 23.29 -8.07 6.12
C GLU D 252 22.23 -7.02 6.38
N LEU D 253 21.67 -6.49 5.31
CA LEU D 253 20.66 -5.45 5.45
C LEU D 253 19.35 -6.00 6.00
N ASN D 254 18.88 -7.12 5.44
CA ASN D 254 17.65 -7.70 5.93
C ASN D 254 17.76 -8.04 7.42
N GLU D 255 18.78 -8.79 7.84
CA GLU D 255 18.92 -9.11 9.27
C GLU D 255 18.82 -7.80 10.04
N ARG D 256 19.71 -6.87 9.70
CA ARG D 256 19.74 -5.58 10.36
C ARG D 256 18.33 -4.97 10.38
N LEU D 257 17.59 -5.18 9.29
CA LEU D 257 16.23 -4.67 9.18
C LEU D 257 15.39 -5.35 10.27
N MET D 258 15.36 -6.68 10.20
CA MET D 258 14.61 -7.52 11.12
C MET D 258 14.92 -7.13 12.58
N ALA D 259 16.21 -7.11 12.91
CA ALA D 259 16.65 -6.76 14.26
C ALA D 259 16.11 -5.40 14.70
N HIS D 260 15.84 -4.53 13.73
CA HIS D 260 15.31 -3.21 14.03
C HIS D 260 13.79 -3.30 14.24
N VAL D 261 13.13 -4.21 13.54
CA VAL D 261 11.70 -4.36 13.71
C VAL D 261 11.43 -5.12 15.01
N PHE D 262 12.09 -6.27 15.19
CA PHE D 262 11.90 -7.04 16.41
C PHE D 262 12.28 -6.26 17.66
N ARG D 263 12.64 -4.99 17.49
CA ARG D 263 13.03 -4.18 18.65
C ARG D 263 12.17 -2.95 18.84
N GLU D 264 11.65 -2.43 17.74
CA GLU D 264 10.81 -1.26 17.80
C GLU D 264 9.39 -1.71 17.95
N ALA D 265 9.17 -2.93 17.53
CA ALA D 265 7.85 -3.50 17.60
C ALA D 265 7.64 -4.28 18.87
N LEU D 266 8.46 -5.31 19.06
CA LEU D 266 8.37 -6.17 20.23
C LEU D 266 9.31 -5.86 21.37
N GLY D 267 10.29 -5.00 21.12
CA GLY D 267 11.23 -4.68 22.17
C GLY D 267 12.07 -5.91 22.45
N VAL D 268 12.09 -6.82 21.49
CA VAL D 268 12.85 -8.06 21.58
C VAL D 268 14.26 -7.66 21.14
N GLU D 269 15.17 -8.60 21.00
CA GLU D 269 16.53 -8.24 20.58
C GLU D 269 17.20 -9.35 19.80
N LEU D 270 16.95 -9.41 18.51
CA LEU D 270 17.56 -10.44 17.71
C LEU D 270 19.06 -10.32 17.71
N PRO D 271 19.75 -11.41 18.07
CA PRO D 271 21.20 -11.34 18.05
C PRO D 271 21.67 -11.49 16.62
N LEU D 272 22.63 -10.66 16.22
CA LEU D 272 23.16 -10.69 14.86
C LEU D 272 24.58 -11.24 14.97
N PRO D 273 25.08 -11.91 13.91
CA PRO D 273 24.40 -12.30 12.66
C PRO D 273 23.37 -13.38 12.86
N PHE D 274 22.37 -13.45 11.99
CA PHE D 274 21.41 -14.55 12.10
C PHE D 274 22.30 -15.72 11.67
N PRO D 275 22.03 -16.93 12.17
CA PRO D 275 22.93 -18.00 11.69
C PRO D 275 22.63 -18.27 10.21
N ARG D 276 23.55 -18.93 9.50
CA ARG D 276 23.34 -19.23 8.09
C ARG D 276 23.51 -20.73 7.91
N LEU D 277 22.75 -21.31 7.00
CA LEU D 277 22.82 -22.73 6.77
C LEU D 277 22.57 -22.94 5.29
N SER D 278 23.24 -23.91 4.68
CA SER D 278 23.04 -24.13 3.26
C SER D 278 21.93 -25.14 3.01
N TYR D 279 21.21 -24.98 1.90
CA TYR D 279 20.15 -25.91 1.60
C TYR D 279 20.60 -27.34 1.80
N GLU D 280 21.90 -27.57 1.72
CA GLU D 280 22.42 -28.93 1.90
C GLU D 280 22.55 -29.26 3.37
N GLU D 281 23.32 -28.46 4.10
CA GLU D 281 23.44 -28.74 5.51
C GLU D 281 22.09 -28.62 6.20
N ALA D 282 21.15 -27.96 5.53
CA ALA D 282 19.82 -27.79 6.10
C ALA D 282 19.02 -29.06 5.91
N MET D 283 19.06 -29.55 4.69
CA MET D 283 18.35 -30.74 4.29
C MET D 283 18.92 -31.98 4.97
N GLU D 284 20.25 -32.11 4.97
CA GLU D 284 20.86 -33.28 5.57
C GLU D 284 20.69 -33.31 7.09
N ARG D 285 20.84 -32.17 7.75
CA ARG D 285 20.71 -32.13 9.22
C ARG D 285 19.32 -31.87 9.78
N TYR D 286 18.35 -31.55 8.93
CA TYR D 286 17.02 -31.26 9.43
C TYR D 286 15.90 -31.79 8.53
N GLY D 287 16.27 -32.22 7.33
CA GLY D 287 15.28 -32.75 6.41
C GLY D 287 14.24 -31.76 5.92
N SER D 288 14.60 -30.49 5.93
CA SER D 288 13.73 -29.41 5.46
C SER D 288 14.63 -28.19 5.31
N ASP D 289 14.21 -27.28 4.44
CA ASP D 289 14.99 -26.07 4.21
C ASP D 289 14.39 -24.92 5.02
N LYS D 290 13.57 -25.27 6.01
CA LYS D 290 12.97 -24.29 6.90
C LYS D 290 13.26 -24.72 8.33
N PRO D 291 14.48 -25.20 8.60
CA PRO D 291 14.88 -25.64 9.93
C PRO D 291 14.23 -24.97 11.13
N ASP D 292 13.50 -25.72 11.94
CA ASP D 292 12.96 -25.12 13.14
C ASP D 292 14.08 -25.29 14.16
N LEU D 293 14.83 -24.23 14.42
CA LEU D 293 15.93 -24.35 15.34
C LEU D 293 15.64 -24.11 16.82
N ARG D 294 14.40 -24.33 17.25
CA ARG D 294 14.10 -24.15 18.68
C ARG D 294 14.61 -25.38 19.42
N PHE D 295 14.56 -26.53 18.75
CA PHE D 295 14.98 -27.81 19.33
C PHE D 295 16.04 -28.57 18.53
N GLY D 296 16.79 -29.41 19.24
CA GLY D 296 17.82 -30.23 18.61
C GLY D 296 17.23 -31.39 17.83
N LEU D 297 17.72 -32.61 18.07
CA LEU D 297 17.21 -33.77 17.35
C LEU D 297 17.54 -33.69 15.87
N GLU D 298 18.84 -33.56 15.56
CA GLU D 298 19.29 -33.48 14.17
C GLU D 298 19.47 -34.84 13.51
N LEU D 299 18.97 -34.97 12.29
CA LEU D 299 19.10 -36.22 11.54
C LEU D 299 20.57 -36.66 11.46
N LYS D 300 20.82 -37.81 10.84
CA LYS D 300 22.19 -38.32 10.69
C LYS D 300 22.23 -39.37 9.61
N GLU D 301 23.19 -39.25 8.70
CA GLU D 301 23.28 -40.26 7.66
C GLU D 301 24.06 -41.43 8.21
N VAL D 302 23.56 -42.62 7.92
CA VAL D 302 24.19 -43.83 8.38
C VAL D 302 24.21 -44.82 7.23
N GLY D 303 23.44 -44.53 6.19
CA GLY D 303 23.38 -45.39 5.02
C GLY D 303 24.60 -46.27 4.90
N PRO D 304 25.81 -45.69 4.93
CA PRO D 304 27.03 -46.48 4.82
C PRO D 304 27.07 -47.67 5.79
N LEU D 305 26.92 -47.38 7.08
CA LEU D 305 26.95 -48.41 8.10
C LEU D 305 26.24 -49.71 7.70
N PHE D 306 25.18 -49.58 6.90
CA PHE D 306 24.39 -50.76 6.54
C PHE D 306 24.53 -51.48 5.22
N ARG D 307 25.62 -51.28 4.53
CA ARG D 307 25.79 -52.04 3.33
C ARG D 307 26.68 -53.17 3.44
N GLN D 308 26.44 -53.85 4.52
CA GLN D 308 27.17 -55.01 4.95
C GLN D 308 26.14 -55.67 5.84
N SER D 309 25.33 -54.82 6.48
CA SER D 309 24.28 -55.30 7.38
C SER D 309 23.38 -56.32 6.70
N GLY D 310 23.44 -56.39 5.38
CA GLY D 310 22.62 -57.36 4.70
C GLY D 310 21.13 -57.13 4.90
N PHE D 311 20.77 -56.07 5.62
CA PHE D 311 19.34 -55.79 5.80
C PHE D 311 18.89 -55.13 4.50
N ARG D 312 18.70 -55.97 3.48
CA ARG D 312 18.25 -55.52 2.17
C ARG D 312 17.89 -54.03 2.10
N VAL D 313 16.85 -53.62 2.82
CA VAL D 313 16.45 -52.22 2.81
C VAL D 313 17.60 -51.26 3.12
N PHE D 314 18.08 -51.26 4.35
CA PHE D 314 19.16 -50.36 4.75
C PHE D 314 20.43 -50.41 3.89
N GLN D 315 20.48 -51.28 2.89
CA GLN D 315 21.69 -51.37 2.08
C GLN D 315 21.46 -51.04 0.61
N GLU D 316 20.36 -51.45 0.04
CA GLU D 316 20.17 -51.12 -1.37
C GLU D 316 19.69 -49.68 -1.51
N ALA D 317 19.54 -49.02 -0.37
CA ALA D 317 19.04 -47.65 -0.33
C ALA D 317 20.10 -46.58 -0.56
N GLU D 318 19.70 -45.52 -1.26
CA GLU D 318 20.63 -44.45 -1.52
C GLU D 318 21.12 -43.90 -0.20
N SER D 319 20.19 -43.69 0.72
CA SER D 319 20.56 -43.18 2.03
C SER D 319 19.60 -43.71 3.08
N VAL D 320 20.07 -43.72 4.30
CA VAL D 320 19.27 -44.17 5.40
C VAL D 320 19.43 -43.08 6.43
N LYS D 321 18.31 -42.45 6.77
CA LYS D 321 18.31 -41.37 7.74
C LYS D 321 18.02 -41.85 9.14
N ALA D 322 18.87 -41.44 10.07
CA ALA D 322 18.72 -41.83 11.46
C ALA D 322 18.36 -40.66 12.36
N LEU D 323 17.35 -40.87 13.18
CA LEU D 323 16.88 -39.87 14.14
C LEU D 323 16.90 -40.54 15.50
N ALA D 324 17.30 -39.80 16.54
CA ALA D 324 17.38 -40.41 17.86
C ALA D 324 16.59 -39.68 18.94
N LEU D 325 15.35 -40.14 19.16
CA LEU D 325 14.47 -39.54 20.17
C LEU D 325 14.89 -39.89 21.60
N PRO D 326 14.73 -38.94 22.53
CA PRO D 326 15.07 -39.07 23.95
C PRO D 326 13.99 -39.80 24.75
N LYS D 327 13.02 -40.39 24.06
CA LYS D 327 11.94 -41.13 24.70
C LYS D 327 11.93 -42.60 24.27
N ALA D 328 10.92 -43.33 24.72
CA ALA D 328 10.72 -44.73 24.38
C ALA D 328 9.31 -44.72 23.83
N LEU D 329 9.21 -44.68 22.51
CA LEU D 329 7.92 -44.63 21.85
C LEU D 329 6.95 -45.73 22.23
N SER D 330 5.68 -45.55 21.84
CA SER D 330 4.64 -46.53 22.10
C SER D 330 4.33 -47.21 20.78
N ARG D 331 3.06 -47.45 20.51
CA ARG D 331 2.65 -48.05 19.25
C ARG D 331 1.99 -46.90 18.53
N LYS D 332 1.17 -46.18 19.28
CA LYS D 332 0.44 -45.01 18.79
C LYS D 332 1.46 -43.96 18.34
N GLU D 333 2.57 -43.89 19.07
CA GLU D 333 3.63 -42.93 18.77
C GLU D 333 4.31 -43.35 17.48
N VAL D 334 5.03 -44.46 17.53
CA VAL D 334 5.71 -44.99 16.35
C VAL D 334 4.70 -45.08 15.21
N ALA D 335 3.41 -45.07 15.55
CA ALA D 335 2.33 -45.14 14.57
C ALA D 335 2.31 -43.88 13.71
N GLU D 336 2.11 -42.74 14.37
CA GLU D 336 2.09 -41.47 13.66
C GLU D 336 3.33 -41.44 12.79
N LEU D 337 4.47 -41.16 13.43
CA LEU D 337 5.74 -41.09 12.75
C LEU D 337 5.63 -41.90 11.47
N GLU D 338 5.40 -43.21 11.60
CA GLU D 338 5.26 -44.10 10.46
C GLU D 338 4.45 -43.52 9.30
N GLU D 339 3.34 -42.85 9.59
CA GLU D 339 2.49 -42.27 8.55
C GLU D 339 3.01 -40.90 8.18
N VAL D 340 3.36 -40.13 9.21
CA VAL D 340 3.91 -38.80 9.00
C VAL D 340 4.97 -39.01 7.93
N ALA D 341 5.94 -39.84 8.26
CA ALA D 341 7.02 -40.16 7.35
C ALA D 341 6.47 -40.67 6.03
N LYS D 342 5.30 -41.30 6.05
CA LYS D 342 4.74 -41.82 4.81
C LYS D 342 3.91 -40.79 4.04
N ARG D 343 3.39 -39.78 4.72
CA ARG D 343 2.63 -38.74 4.03
C ARG D 343 3.64 -38.08 3.12
N HIS D 344 4.88 -38.08 3.57
CA HIS D 344 6.02 -37.55 2.83
C HIS D 344 6.46 -38.89 2.26
N LYS D 345 6.10 -39.16 1.01
CA LYS D 345 6.51 -40.38 0.31
C LYS D 345 7.73 -41.27 0.66
N ALA D 346 7.84 -41.67 1.91
CA ALA D 346 8.89 -42.56 2.36
C ALA D 346 8.31 -43.96 2.29
N GLN D 347 9.11 -44.93 1.86
CA GLN D 347 8.63 -46.29 1.76
C GLN D 347 8.08 -46.74 3.11
N GLY D 348 8.73 -46.28 4.19
CA GLY D 348 8.31 -46.64 5.54
C GLY D 348 9.28 -46.15 6.58
N LEU D 349 8.83 -46.03 7.83
CA LEU D 349 9.71 -45.58 8.92
C LEU D 349 10.27 -46.86 9.56
N ALA D 350 11.32 -46.73 10.37
CA ALA D 350 11.93 -47.90 10.97
C ALA D 350 12.54 -47.61 12.33
N TRP D 351 11.84 -48.01 13.38
CA TRP D 351 12.27 -47.80 14.75
C TRP D 351 12.99 -48.98 15.38
N ALA D 352 13.40 -48.77 16.64
CA ALA D 352 14.11 -49.73 17.47
C ALA D 352 14.48 -48.91 18.72
N ARG D 353 14.53 -49.56 19.89
CA ARG D 353 14.87 -48.84 21.11
C ARG D 353 16.27 -49.13 21.62
N VAL D 354 16.78 -48.25 22.48
CA VAL D 354 18.11 -48.43 23.01
C VAL D 354 18.15 -48.78 24.49
N GLU D 355 18.90 -49.83 24.79
CA GLU D 355 19.09 -50.33 26.15
C GLU D 355 20.60 -50.33 26.39
N GLU D 356 21.02 -50.25 27.65
CA GLU D 356 22.44 -50.28 27.94
C GLU D 356 22.93 -51.55 27.25
N GLY D 357 24.09 -51.47 26.63
CA GLY D 357 24.63 -52.65 25.96
C GLY D 357 23.90 -53.15 24.72
N GLY D 358 22.65 -52.72 24.50
CA GLY D 358 21.94 -53.20 23.31
C GLY D 358 20.65 -52.58 22.81
N PHE D 359 20.31 -52.90 21.56
CA PHE D 359 19.12 -52.41 20.86
C PHE D 359 17.96 -53.37 21.11
N SER D 360 16.72 -52.92 20.91
CA SER D 360 15.56 -53.78 21.12
C SER D 360 14.30 -53.28 20.45
N GLY D 361 14.08 -53.71 19.22
CA GLY D 361 12.89 -53.27 18.51
C GLY D 361 12.81 -53.62 17.03
N GLY D 362 11.60 -53.59 16.50
CA GLY D 362 11.34 -53.91 15.10
C GLY D 362 12.48 -54.14 14.11
N VAL D 363 13.45 -53.22 14.08
CA VAL D 363 14.56 -53.32 13.15
C VAL D 363 15.88 -53.63 13.89
N ALA D 364 15.81 -53.55 15.21
CA ALA D 364 16.95 -53.82 16.09
C ALA D 364 17.85 -54.94 15.55
N LYS D 365 17.26 -56.09 15.29
CA LYS D 365 18.02 -57.23 14.78
C LYS D 365 19.24 -56.75 13.99
N PHE D 366 18.96 -56.01 12.91
CA PHE D 366 19.98 -55.51 12.00
C PHE D 366 20.95 -54.44 12.48
N LEU D 367 20.72 -53.83 13.62
CA LEU D 367 21.61 -52.80 14.12
C LEU D 367 22.70 -53.30 15.07
N GLU D 368 22.57 -54.52 15.57
CA GLU D 368 23.60 -55.01 16.48
C GLU D 368 24.97 -55.16 15.82
N PRO D 369 25.01 -55.61 14.54
CA PRO D 369 26.29 -55.79 13.86
C PRO D 369 27.34 -54.66 14.05
N VAL D 370 26.89 -53.50 14.48
CA VAL D 370 27.75 -52.36 14.69
C VAL D 370 27.03 -51.36 15.54
N ARG D 371 26.98 -51.65 16.82
CA ARG D 371 26.31 -50.74 17.74
C ARG D 371 27.02 -49.40 17.89
N GLU D 372 28.31 -49.43 18.24
CA GLU D 372 29.04 -48.20 18.47
C GLU D 372 29.31 -47.40 17.20
N ALA D 373 29.02 -47.98 16.04
CA ALA D 373 29.20 -47.23 14.81
C ALA D 373 27.99 -46.32 14.85
N LEU D 374 26.83 -46.96 14.94
CA LEU D 374 25.53 -46.33 14.99
C LEU D 374 25.37 -45.53 16.27
N LEU D 375 25.93 -46.04 17.36
CA LEU D 375 25.83 -45.35 18.65
C LEU D 375 26.77 -44.16 18.63
N GLN D 376 27.67 -44.14 17.64
CA GLN D 376 28.58 -43.03 17.53
C GLN D 376 27.88 -41.96 16.73
N ALA D 377 27.37 -42.38 15.58
CA ALA D 377 26.64 -41.50 14.68
C ALA D 377 25.48 -40.83 15.41
N THR D 378 24.37 -41.56 15.51
CA THR D 378 23.16 -41.09 16.15
C THR D 378 23.42 -40.46 17.51
N GLU D 379 24.56 -40.80 18.09
CA GLU D 379 24.92 -40.29 19.41
C GLU D 379 23.76 -40.48 20.37
N ALA D 380 22.98 -41.53 20.11
CA ALA D 380 21.83 -41.85 20.94
C ALA D 380 22.32 -42.43 22.25
N ARG D 381 21.40 -42.61 23.19
CA ARG D 381 21.70 -43.17 24.49
C ARG D 381 20.61 -44.15 24.90
N PRO D 382 20.96 -45.11 25.78
CA PRO D 382 19.97 -46.09 26.22
C PRO D 382 18.77 -45.39 26.87
N GLY D 383 17.59 -45.64 26.32
CA GLY D 383 16.38 -45.01 26.83
C GLY D 383 15.71 -44.23 25.72
N ASP D 384 16.36 -44.23 24.55
CA ASP D 384 15.85 -43.52 23.37
C ASP D 384 15.12 -44.44 22.42
N THR D 385 14.91 -43.90 21.23
CA THR D 385 14.27 -44.63 20.14
C THR D 385 14.94 -44.12 18.88
N LEU D 386 15.25 -45.04 17.98
CA LEU D 386 15.90 -44.72 16.74
C LEU D 386 14.96 -44.83 15.55
N LEU D 387 14.52 -43.71 15.00
CA LEU D 387 13.69 -43.83 13.80
C LEU D 387 14.69 -43.78 12.65
N PHE D 388 14.35 -44.42 11.54
CA PHE D 388 15.19 -44.42 10.35
C PHE D 388 14.28 -44.41 9.15
N VAL D 389 14.63 -43.65 8.12
CA VAL D 389 13.85 -43.66 6.88
C VAL D 389 14.98 -43.89 5.90
N ALA D 390 14.74 -44.66 4.87
CA ALA D 390 15.82 -44.90 3.94
C ALA D 390 15.30 -44.93 2.52
N GLY D 391 16.21 -44.61 1.59
CA GLY D 391 15.88 -44.58 0.18
C GLY D 391 16.46 -43.29 -0.40
N PRO D 392 15.76 -42.66 -1.34
CA PRO D 392 16.25 -41.42 -1.95
C PRO D 392 16.58 -40.40 -0.87
N ARG D 393 17.80 -39.89 -0.95
CA ARG D 393 18.32 -38.90 -0.01
C ARG D 393 17.30 -37.84 0.38
N LYS D 394 16.67 -37.22 -0.61
CA LYS D 394 15.67 -36.21 -0.34
C LYS D 394 14.58 -36.81 0.51
N VAL D 395 13.83 -37.72 -0.10
CA VAL D 395 12.73 -38.41 0.58
C VAL D 395 13.13 -38.80 1.99
N ALA D 396 14.19 -39.59 2.10
CA ALA D 396 14.65 -40.02 3.42
C ALA D 396 14.65 -38.81 4.31
N ALA D 397 15.64 -37.96 4.08
CA ALA D 397 15.83 -36.74 4.84
C ALA D 397 14.58 -35.91 5.04
N THR D 398 13.83 -35.66 3.96
CA THR D 398 12.64 -34.84 4.10
C THR D 398 11.67 -35.50 5.08
N ALA D 399 11.27 -36.74 4.79
CA ALA D 399 10.35 -37.50 5.63
C ALA D 399 10.80 -37.56 7.10
N LEU D 400 12.01 -38.06 7.33
CA LEU D 400 12.53 -38.16 8.69
C LEU D 400 12.58 -36.78 9.35
N GLY D 401 12.55 -35.74 8.52
CA GLY D 401 12.59 -34.37 9.02
C GLY D 401 11.20 -33.97 9.48
N ALA D 402 10.20 -34.58 8.84
CA ALA D 402 8.79 -34.36 9.18
C ALA D 402 8.67 -35.06 10.51
N VAL D 403 9.07 -36.33 10.52
CA VAL D 403 9.05 -37.12 11.72
C VAL D 403 9.74 -36.35 12.86
N ARG D 404 10.82 -35.66 12.52
CA ARG D 404 11.54 -34.88 13.52
C ARG D 404 10.58 -33.85 14.10
N LEU D 405 9.72 -33.31 13.26
CA LEU D 405 8.77 -32.31 13.71
C LEU D 405 7.69 -32.86 14.64
N ARG D 406 6.95 -33.88 14.20
CA ARG D 406 5.90 -34.42 15.05
C ARG D 406 6.50 -34.83 16.40
N ALA D 407 7.69 -35.42 16.36
CA ALA D 407 8.39 -35.83 17.58
C ALA D 407 8.42 -34.70 18.59
N ALA D 408 8.85 -33.53 18.14
CA ALA D 408 8.95 -32.33 18.98
C ALA D 408 7.71 -32.08 19.82
N ASP D 409 6.58 -32.60 19.39
CA ASP D 409 5.34 -32.43 20.14
C ASP D 409 5.06 -33.72 20.90
N LEU D 410 5.15 -34.85 20.20
CA LEU D 410 4.93 -36.15 20.83
C LEU D 410 5.90 -36.31 22.00
N LEU D 411 6.83 -35.37 22.15
CA LEU D 411 7.75 -35.44 23.26
C LEU D 411 7.53 -34.17 24.04
N GLY D 412 6.49 -33.43 23.63
CA GLY D 412 6.14 -32.20 24.29
C GLY D 412 7.31 -31.25 24.48
N LEU D 413 8.25 -31.27 23.54
CA LEU D 413 9.41 -30.40 23.66
C LEU D 413 8.96 -28.97 23.79
N LYS D 414 9.58 -28.28 24.75
CA LYS D 414 9.25 -26.89 25.01
C LYS D 414 9.92 -25.91 24.04
N ARG D 415 9.47 -25.89 22.79
CA ARG D 415 10.01 -24.99 21.77
C ARG D 415 9.82 -23.55 22.18
N GLU D 416 10.93 -22.88 22.46
CA GLU D 416 10.93 -21.50 22.93
C GLU D 416 11.43 -20.45 21.92
N GLY D 417 11.01 -19.20 22.13
CA GLY D 417 11.43 -18.03 21.35
C GLY D 417 11.42 -17.83 19.83
N PHE D 418 12.21 -16.85 19.40
CA PHE D 418 12.36 -16.50 17.99
C PHE D 418 13.70 -16.97 17.46
N ARG D 419 13.69 -17.96 16.58
CA ARG D 419 14.93 -18.43 16.04
C ARG D 419 14.94 -18.13 14.57
N PHE D 420 15.81 -17.20 14.18
CA PHE D 420 15.92 -16.81 12.78
C PHE D 420 17.04 -17.58 12.12
N LEU D 421 16.87 -17.89 10.84
CA LEU D 421 17.88 -18.64 10.13
C LEU D 421 17.96 -18.28 8.63
N TRP D 422 19.19 -18.24 8.11
CA TRP D 422 19.44 -17.97 6.69
C TRP D 422 19.73 -19.29 6.00
N VAL D 423 19.01 -19.58 4.94
CA VAL D 423 19.24 -20.81 4.20
C VAL D 423 19.68 -20.37 2.83
N VAL D 424 20.97 -20.52 2.58
CA VAL D 424 21.55 -20.09 1.32
C VAL D 424 22.10 -21.23 0.47
N ASP D 425 22.32 -20.93 -0.80
CA ASP D 425 22.87 -21.87 -1.77
C ASP D 425 21.89 -22.95 -2.18
N PHE D 426 20.68 -22.52 -2.53
CA PHE D 426 19.66 -23.45 -2.99
C PHE D 426 20.02 -23.94 -4.37
N PRO D 427 19.71 -25.20 -4.68
CA PRO D 427 20.09 -25.60 -6.03
C PRO D 427 19.24 -24.78 -7.00
N LEU D 428 19.82 -24.43 -8.14
CA LEU D 428 19.14 -23.63 -9.15
C LEU D 428 18.03 -24.43 -9.82
N LEU D 429 18.36 -25.64 -10.23
CA LEU D 429 17.40 -26.50 -10.87
C LEU D 429 17.02 -27.64 -9.94
N GLU D 430 15.75 -28.03 -9.98
CA GLU D 430 15.25 -29.13 -9.18
C GLU D 430 14.53 -29.98 -10.21
N TRP D 431 13.53 -30.75 -9.84
CA TRP D 431 12.83 -31.58 -10.84
C TRP D 431 11.32 -31.59 -10.77
N ASP D 432 10.70 -31.71 -11.95
CA ASP D 432 9.24 -31.79 -12.10
C ASP D 432 9.00 -32.89 -13.11
N GLU D 433 8.89 -34.11 -12.61
CA GLU D 433 8.71 -35.28 -13.45
C GLU D 433 7.90 -35.01 -14.71
N GLU D 434 8.65 -34.79 -15.78
CA GLU D 434 8.19 -34.51 -17.10
C GLU D 434 9.53 -34.75 -17.78
N GLU D 435 9.57 -35.75 -18.65
CA GLU D 435 10.81 -36.12 -19.32
C GLU D 435 11.61 -35.05 -20.09
N GLU D 436 11.84 -33.90 -19.47
CA GLU D 436 12.66 -32.88 -20.10
C GLU D 436 13.44 -32.04 -19.10
N ALA D 437 13.99 -30.93 -19.57
CA ALA D 437 14.80 -30.01 -18.76
C ALA D 437 14.31 -29.84 -17.31
N TRP D 438 15.25 -29.51 -16.43
CA TRP D 438 14.96 -29.31 -15.03
C TRP D 438 13.91 -28.26 -14.73
N THR D 439 13.72 -28.03 -13.42
CA THR D 439 12.78 -27.07 -12.89
C THR D 439 13.52 -25.95 -12.22
N TYR D 440 12.93 -24.77 -12.26
CA TYR D 440 13.54 -23.64 -11.61
C TYR D 440 12.86 -23.49 -10.26
N MET D 441 13.66 -23.53 -9.20
CA MET D 441 13.14 -23.41 -7.85
C MET D 441 12.62 -22.01 -7.58
N HIS D 442 13.20 -21.03 -8.27
CA HIS D 442 12.82 -19.64 -8.09
C HIS D 442 12.58 -19.13 -9.50
N HIS D 443 12.18 -17.87 -9.66
CA HIS D 443 11.93 -17.36 -11.01
C HIS D 443 13.12 -17.62 -11.91
N PRO D 444 12.85 -17.86 -13.20
CA PRO D 444 13.90 -18.14 -14.17
C PRO D 444 14.93 -17.01 -14.16
N PHE D 445 14.62 -15.95 -13.45
CA PHE D 445 15.53 -14.82 -13.36
C PHE D 445 16.55 -15.02 -12.28
N THR D 446 16.44 -16.09 -11.50
CA THR D 446 17.40 -16.28 -10.42
C THR D 446 18.77 -16.61 -10.98
N SER D 447 19.78 -15.98 -10.38
CA SER D 447 21.15 -16.14 -10.83
C SER D 447 21.96 -17.31 -10.33
N PRO D 448 22.66 -17.98 -11.25
CA PRO D 448 23.47 -19.11 -10.82
C PRO D 448 24.63 -18.56 -10.00
N HIS D 449 25.43 -19.45 -9.44
CA HIS D 449 26.57 -19.02 -8.65
C HIS D 449 27.72 -18.79 -9.60
N PRO D 450 28.39 -17.62 -9.52
CA PRO D 450 29.50 -17.43 -10.44
C PRO D 450 30.44 -18.64 -10.44
N GLU D 451 30.49 -19.35 -9.31
CA GLU D 451 31.33 -20.54 -9.16
C GLU D 451 30.79 -21.68 -10.02
N ASP D 452 29.61 -22.16 -9.69
CA ASP D 452 28.95 -23.26 -10.41
C ASP D 452 28.64 -22.97 -11.88
N LEU D 453 28.87 -21.76 -12.34
CA LEU D 453 28.53 -21.38 -13.72
C LEU D 453 28.89 -22.41 -14.80
N PRO D 454 30.11 -22.95 -14.79
CA PRO D 454 30.54 -23.94 -15.80
C PRO D 454 29.98 -25.35 -15.61
N LEU D 455 29.13 -25.54 -14.61
CA LEU D 455 28.54 -26.85 -14.39
C LEU D 455 27.12 -26.80 -14.92
N LEU D 456 26.79 -25.65 -15.51
CA LEU D 456 25.44 -25.44 -16.04
C LEU D 456 24.97 -26.54 -17.00
N GLU D 457 25.65 -26.67 -18.12
CA GLU D 457 25.31 -27.67 -19.13
C GLU D 457 25.85 -29.06 -18.79
N LYS D 458 26.67 -29.14 -17.74
CA LYS D 458 27.25 -30.42 -17.33
C LYS D 458 26.59 -31.10 -16.12
N ASP D 459 26.47 -30.38 -15.01
CA ASP D 459 25.83 -30.94 -13.81
C ASP D 459 24.68 -30.03 -13.44
N PRO D 460 23.65 -29.99 -14.29
CA PRO D 460 22.44 -29.17 -14.11
C PRO D 460 21.86 -29.29 -12.72
N GLY D 461 21.70 -30.53 -12.27
CA GLY D 461 21.15 -30.75 -10.95
C GLY D 461 22.04 -30.23 -9.83
N ARG D 462 23.33 -30.13 -10.10
CA ARG D 462 24.31 -29.70 -9.10
C ARG D 462 24.54 -28.20 -9.00
N VAL D 463 24.05 -27.44 -9.98
CA VAL D 463 24.24 -25.99 -9.99
C VAL D 463 23.55 -25.32 -8.81
N ARG D 464 24.29 -24.54 -8.03
CA ARG D 464 23.68 -23.85 -6.92
C ARG D 464 23.42 -22.39 -7.31
N ALA D 465 22.22 -21.94 -6.99
CA ALA D 465 21.76 -20.59 -7.28
C ALA D 465 22.14 -19.65 -6.16
N LEU D 466 22.07 -18.36 -6.46
CA LEU D 466 22.36 -17.35 -5.45
C LEU D 466 21.00 -16.94 -4.88
N ALA D 467 20.24 -17.93 -4.42
CA ALA D 467 18.92 -17.69 -3.83
C ALA D 467 18.99 -17.91 -2.30
N TYR D 468 18.04 -17.33 -1.57
CA TYR D 468 18.05 -17.45 -0.10
C TYR D 468 16.69 -17.24 0.62
N ASP D 469 16.46 -18.03 1.67
CA ASP D 469 15.22 -17.96 2.46
C ASP D 469 15.44 -17.54 3.90
N LEU D 470 14.57 -16.69 4.42
CA LEU D 470 14.73 -16.29 5.81
C LEU D 470 13.69 -17.13 6.54
N VAL D 471 14.11 -17.92 7.51
CA VAL D 471 13.16 -18.73 8.22
C VAL D 471 13.07 -18.32 9.69
N LEU D 472 11.85 -18.39 10.21
CA LEU D 472 11.59 -18.03 11.59
C LEU D 472 10.90 -19.20 12.27
N ASN D 473 11.66 -19.94 13.07
CA ASN D 473 11.09 -21.09 13.74
C ASN D 473 10.40 -21.97 12.72
N GLY D 474 11.18 -22.66 11.90
CA GLY D 474 10.59 -23.53 10.90
C GLY D 474 9.64 -22.91 9.91
N VAL D 475 9.47 -21.58 9.93
CA VAL D 475 8.58 -20.94 8.96
C VAL D 475 9.36 -20.06 8.00
N GLU D 476 9.08 -20.21 6.72
CA GLU D 476 9.72 -19.40 5.69
C GLU D 476 9.09 -18.01 5.77
N VAL D 477 9.88 -17.02 6.16
CA VAL D 477 9.39 -15.66 6.32
C VAL D 477 9.90 -14.71 5.23
N GLY D 478 11.05 -15.05 4.67
CA GLY D 478 11.66 -14.25 3.63
C GLY D 478 12.20 -15.09 2.49
N GLY D 479 12.27 -14.49 1.30
CA GLY D 479 12.77 -15.18 0.12
C GLY D 479 13.30 -14.18 -0.88
N GLY D 480 14.31 -14.58 -1.64
CA GLY D 480 14.87 -13.68 -2.63
C GLY D 480 16.15 -14.22 -3.23
N SER D 481 16.82 -13.41 -4.04
CA SER D 481 18.05 -13.84 -4.69
C SER D 481 18.63 -12.73 -5.57
N ILE D 482 19.92 -12.85 -5.85
CA ILE D 482 20.61 -11.94 -6.75
C ILE D 482 19.95 -12.30 -8.08
N ARG D 483 19.77 -11.33 -8.97
CA ARG D 483 19.13 -11.59 -10.27
C ARG D 483 20.11 -11.62 -11.41
N ILE D 484 19.67 -12.14 -12.55
CA ILE D 484 20.51 -12.15 -13.73
C ILE D 484 20.34 -10.78 -14.42
N HIS D 485 21.45 -10.13 -14.79
CA HIS D 485 21.39 -8.85 -15.50
C HIS D 485 22.00 -8.99 -16.89
N ASP D 486 22.79 -10.05 -17.09
CA ASP D 486 23.42 -10.33 -18.36
C ASP D 486 22.41 -11.04 -19.27
N PRO D 487 22.01 -10.41 -20.39
CA PRO D 487 21.04 -11.04 -21.31
C PRO D 487 21.51 -12.40 -21.82
N ARG D 488 22.82 -12.53 -21.98
CA ARG D 488 23.37 -13.80 -22.42
C ARG D 488 23.17 -14.88 -21.38
N LEU D 489 23.52 -14.61 -20.12
CA LEU D 489 23.35 -15.64 -19.08
C LEU D 489 21.89 -16.05 -19.03
N GLN D 490 21.00 -15.06 -19.12
CA GLN D 490 19.58 -15.32 -19.09
C GLN D 490 19.23 -16.19 -20.26
N ALA D 491 20.00 -16.08 -21.33
CA ALA D 491 19.76 -16.90 -22.49
C ALA D 491 20.29 -18.30 -22.25
N ARG D 492 21.36 -18.44 -21.47
CA ARG D 492 21.89 -19.78 -21.21
C ARG D 492 20.94 -20.51 -20.27
N VAL D 493 20.38 -19.78 -19.31
CA VAL D 493 19.45 -20.39 -18.39
C VAL D 493 18.15 -20.77 -19.10
N PHE D 494 17.59 -19.83 -19.87
CA PHE D 494 16.34 -20.10 -20.59
C PHE D 494 16.47 -21.34 -21.50
N ARG D 495 17.65 -21.58 -22.07
CA ARG D 495 17.82 -22.76 -22.91
C ARG D 495 17.67 -23.95 -21.99
N LEU D 496 18.56 -24.00 -21.01
CA LEU D 496 18.61 -25.05 -20.02
C LEU D 496 17.20 -25.48 -19.64
N LEU D 497 16.38 -24.50 -19.28
CA LEU D 497 15.00 -24.72 -18.87
C LEU D 497 14.15 -25.28 -20.01
N GLY D 498 14.47 -24.88 -21.23
CA GLY D 498 13.71 -25.35 -22.39
C GLY D 498 12.88 -24.26 -23.03
N ILE D 499 12.76 -23.11 -22.35
CA ILE D 499 11.97 -22.01 -22.89
C ILE D 499 12.56 -21.43 -24.16
N GLY D 500 11.94 -21.76 -25.29
CA GLY D 500 12.40 -21.27 -26.57
C GLY D 500 12.05 -19.82 -26.83
N GLU D 501 12.63 -19.26 -27.89
CA GLU D 501 12.41 -17.87 -28.29
C GLU D 501 11.01 -17.33 -28.01
N GLU D 502 10.15 -17.48 -29.02
CA GLU D 502 8.77 -16.99 -28.97
C GLU D 502 8.10 -17.09 -27.59
N GLU D 503 8.34 -18.17 -26.87
CA GLU D 503 7.74 -18.34 -25.55
C GLU D 503 8.27 -17.29 -24.58
N GLN D 504 9.54 -16.95 -24.72
CA GLN D 504 10.17 -15.95 -23.87
C GLN D 504 9.52 -14.61 -24.10
N ARG D 505 9.38 -14.24 -25.37
CA ARG D 505 8.78 -12.97 -25.74
C ARG D 505 7.42 -12.79 -25.08
N GLU D 506 6.67 -13.89 -24.96
CA GLU D 506 5.34 -13.85 -24.39
C GLU D 506 5.32 -13.72 -22.87
N LYS D 507 6.20 -14.46 -22.22
CA LYS D 507 6.24 -14.43 -20.77
C LYS D 507 7.20 -13.45 -20.15
N PHE D 508 8.28 -13.13 -20.85
CA PHE D 508 9.25 -12.22 -20.28
C PHE D 508 9.71 -11.10 -21.19
N GLY D 509 9.16 -11.08 -22.40
CA GLY D 509 9.52 -10.05 -23.36
C GLY D 509 10.00 -8.70 -22.84
N PHE D 510 9.07 -7.78 -22.62
CA PHE D 510 9.47 -6.45 -22.19
C PHE D 510 10.67 -6.39 -21.27
N PHE D 511 10.72 -7.24 -20.25
CA PHE D 511 11.87 -7.19 -19.33
C PHE D 511 13.16 -7.66 -19.96
N LEU D 512 13.05 -8.73 -20.73
CA LEU D 512 14.16 -9.33 -21.43
C LEU D 512 14.82 -8.29 -22.32
N GLU D 513 13.98 -7.41 -22.84
CA GLU D 513 14.44 -6.34 -23.69
C GLU D 513 15.20 -5.34 -22.82
N ALA D 514 14.54 -4.90 -21.75
CA ALA D 514 15.14 -3.94 -20.83
C ALA D 514 16.55 -4.33 -20.40
N LEU D 515 16.83 -5.62 -20.27
CA LEU D 515 18.17 -6.02 -19.88
C LEU D 515 19.22 -5.46 -20.83
N GLU D 516 18.81 -5.35 -22.10
CA GLU D 516 19.65 -4.86 -23.19
C GLU D 516 20.10 -3.41 -23.09
N TYR D 517 19.39 -2.60 -22.30
CA TYR D 517 19.79 -1.22 -22.15
C TYR D 517 20.62 -1.00 -20.90
N GLY D 518 21.29 -2.04 -20.44
CA GLY D 518 22.15 -1.90 -19.29
C GLY D 518 21.55 -1.98 -17.89
N ALA D 519 21.21 -3.19 -17.45
CA ALA D 519 20.69 -3.36 -16.13
C ALA D 519 21.90 -3.59 -15.24
N PRO D 520 21.89 -3.06 -14.01
CA PRO D 520 23.08 -3.33 -13.21
C PRO D 520 22.84 -4.58 -12.41
N PRO D 521 23.91 -5.16 -11.87
CA PRO D 521 23.55 -6.35 -11.11
C PRO D 521 22.74 -5.88 -9.89
N HIS D 522 21.62 -6.55 -9.66
CA HIS D 522 20.73 -6.26 -8.53
C HIS D 522 20.26 -7.59 -8.01
N GLY D 523 19.42 -7.53 -6.99
CA GLY D 523 18.88 -8.71 -6.36
C GLY D 523 18.08 -8.17 -5.19
N GLY D 524 17.09 -8.91 -4.75
CA GLY D 524 16.28 -8.43 -3.65
C GLY D 524 15.86 -9.49 -2.66
N ILE D 525 14.61 -9.38 -2.23
CA ILE D 525 14.04 -10.29 -1.27
C ILE D 525 12.61 -9.82 -1.05
N ALA D 526 11.87 -10.61 -0.28
CA ALA D 526 10.47 -10.31 0.03
C ALA D 526 10.16 -10.96 1.37
N TRP D 527 9.28 -10.32 2.13
CA TRP D 527 8.87 -10.84 3.41
C TRP D 527 7.40 -11.16 3.31
N GLY D 528 6.96 -12.15 4.09
CA GLY D 528 5.54 -12.47 4.13
C GLY D 528 5.13 -11.73 5.38
N LEU D 529 5.09 -10.42 5.29
CA LEU D 529 4.74 -9.59 6.42
C LEU D 529 3.64 -10.24 7.22
N ASP D 530 2.67 -10.81 6.50
CA ASP D 530 1.55 -11.45 7.14
C ASP D 530 2.01 -12.58 8.05
N ARG D 531 2.69 -13.57 7.50
CA ARG D 531 3.15 -14.70 8.28
C ARG D 531 4.05 -14.23 9.43
N LEU D 532 4.96 -13.32 9.12
CA LEU D 532 5.90 -12.80 10.11
C LEU D 532 5.15 -12.11 11.21
N LEU D 533 4.02 -11.52 10.85
CA LEU D 533 3.21 -10.82 11.83
C LEU D 533 2.46 -11.78 12.73
N ALA D 534 2.02 -12.88 12.14
CA ALA D 534 1.34 -13.87 12.93
C ALA D 534 2.38 -14.39 13.90
N LEU D 535 3.52 -14.83 13.36
CA LEU D 535 4.58 -15.35 14.20
C LEU D 535 5.08 -14.39 15.27
N MET D 536 5.13 -13.10 14.97
CA MET D 536 5.64 -12.17 15.97
C MET D 536 4.63 -12.01 17.07
N THR D 537 3.36 -12.11 16.70
CA THR D 537 2.24 -11.98 17.61
C THR D 537 1.80 -13.35 18.07
N GLY D 538 2.71 -14.32 17.95
CA GLY D 538 2.42 -15.69 18.34
C GLY D 538 0.96 -16.00 18.12
N SER D 539 0.53 -15.94 16.87
CA SER D 539 -0.85 -16.19 16.53
C SER D 539 -1.06 -17.38 15.61
N PRO D 540 -2.08 -18.19 15.92
CA PRO D 540 -2.46 -19.39 15.17
C PRO D 540 -2.56 -19.12 13.67
N SER D 541 -3.30 -18.08 13.30
CA SER D 541 -3.49 -17.72 11.89
C SER D 541 -3.05 -16.32 11.51
N ILE D 542 -2.75 -16.12 10.22
CA ILE D 542 -2.37 -14.80 9.78
C ILE D 542 -3.62 -13.95 9.87
N ARG D 543 -4.77 -14.61 9.83
CA ARG D 543 -6.04 -13.92 9.92
C ARG D 543 -6.09 -13.05 11.16
N GLU D 544 -5.42 -13.47 12.22
CA GLU D 544 -5.42 -12.71 13.46
C GLU D 544 -4.64 -11.42 13.37
N VAL D 545 -4.01 -11.15 12.21
CA VAL D 545 -3.24 -9.93 12.01
C VAL D 545 -3.65 -9.21 10.71
N ILE D 546 -4.92 -9.28 10.38
CA ILE D 546 -5.45 -8.68 9.18
C ILE D 546 -6.83 -8.11 9.51
N ALA D 547 -6.95 -6.80 9.66
CA ALA D 547 -8.23 -6.18 9.99
C ALA D 547 -9.50 -6.81 9.38
N PHE D 548 -9.48 -7.20 8.11
CA PHE D 548 -10.68 -7.82 7.51
C PHE D 548 -10.32 -8.89 6.46
N PRO D 549 -9.69 -10.00 6.89
CA PRO D 549 -9.26 -11.14 6.09
C PRO D 549 -10.44 -11.95 5.61
N LYS D 550 -10.17 -12.92 4.76
CA LYS D 550 -11.24 -13.78 4.27
C LYS D 550 -11.23 -15.02 5.18
N ASN D 551 -12.25 -15.86 5.05
CA ASN D 551 -12.29 -17.08 5.85
C ASN D 551 -11.70 -18.17 4.97
N LYS D 552 -11.07 -19.15 5.61
CA LYS D 552 -10.44 -20.26 4.89
C LYS D 552 -10.94 -20.56 3.48
N GLU D 553 -12.24 -20.43 3.23
CA GLU D 553 -12.75 -20.70 1.89
C GLU D 553 -12.23 -19.64 0.93
N GLY D 554 -12.42 -18.39 1.34
CA GLY D 554 -11.97 -17.26 0.55
C GLY D 554 -13.05 -16.22 0.51
N LYS D 555 -14.14 -16.46 1.22
CA LYS D 555 -15.24 -15.51 1.20
C LYS D 555 -15.21 -14.53 2.36
N ASP D 556 -15.92 -13.43 2.19
CA ASP D 556 -16.01 -12.37 3.19
C ASP D 556 -17.37 -12.42 3.90
N PRO D 557 -17.44 -13.17 5.01
CA PRO D 557 -18.67 -13.32 5.79
C PRO D 557 -19.23 -11.96 6.18
N LEU D 558 -18.30 -11.05 6.45
CA LEU D 558 -18.63 -9.68 6.86
C LEU D 558 -19.27 -8.88 5.77
N THR D 559 -18.87 -9.19 4.54
CA THR D 559 -19.37 -8.45 3.41
C THR D 559 -20.26 -9.28 2.53
N GLY D 560 -20.03 -10.58 2.55
CA GLY D 560 -20.83 -11.46 1.72
C GLY D 560 -20.31 -11.33 0.30
N ALA D 561 -19.04 -11.69 0.13
CA ALA D 561 -18.41 -11.63 -1.17
C ALA D 561 -17.50 -12.84 -1.25
N PRO D 562 -17.25 -13.35 -2.47
CA PRO D 562 -17.82 -12.82 -3.71
C PRO D 562 -19.34 -12.79 -3.64
N SER D 563 -19.94 -12.30 -4.71
CA SER D 563 -21.38 -12.22 -4.79
C SER D 563 -21.66 -12.15 -6.27
N PRO D 564 -22.95 -12.15 -6.65
CA PRO D 564 -23.28 -12.08 -8.06
C PRO D 564 -23.31 -10.62 -8.47
N VAL D 565 -23.70 -10.36 -9.71
CA VAL D 565 -23.79 -9.01 -10.21
C VAL D 565 -24.96 -8.94 -11.20
N PRO D 566 -25.60 -7.76 -11.33
CA PRO D 566 -26.72 -7.55 -12.25
C PRO D 566 -26.31 -7.97 -13.65
N GLU D 567 -26.80 -9.13 -14.10
CA GLU D 567 -26.45 -9.65 -15.40
C GLU D 567 -26.03 -8.57 -16.39
N GLU D 568 -26.76 -7.47 -16.43
CA GLU D 568 -26.43 -6.39 -17.36
C GLU D 568 -25.16 -5.63 -17.03
N GLN D 569 -24.48 -6.07 -15.97
CA GLN D 569 -23.22 -5.47 -15.56
C GLN D 569 -22.11 -6.40 -16.01
N LEU D 570 -22.49 -7.62 -16.35
CA LEU D 570 -21.56 -8.64 -16.80
C LEU D 570 -21.75 -8.72 -18.31
N ARG D 571 -22.91 -8.23 -18.76
CA ARG D 571 -23.22 -8.21 -20.18
C ARG D 571 -22.44 -7.02 -20.73
N GLU D 572 -22.21 -6.03 -19.87
CA GLU D 572 -21.46 -4.84 -20.22
C GLU D 572 -19.97 -5.18 -20.28
N LEU D 573 -19.53 -6.12 -19.45
CA LEU D 573 -18.13 -6.56 -19.44
C LEU D 573 -17.94 -7.50 -20.62
N GLY D 574 -19.05 -7.82 -21.27
CA GLY D 574 -19.01 -8.70 -22.42
C GLY D 574 -18.62 -10.12 -22.10
N LEU D 575 -19.00 -10.59 -20.91
CA LEU D 575 -18.70 -11.96 -20.49
C LEU D 575 -20.00 -12.70 -20.23
N MET D 576 -19.91 -14.02 -20.10
CA MET D 576 -21.11 -14.83 -19.87
C MET D 576 -20.80 -16.08 -19.06
N VAL D 577 -21.54 -16.28 -17.97
CA VAL D 577 -21.34 -17.42 -17.09
C VAL D 577 -21.62 -18.72 -17.82
N VAL D 578 -20.63 -19.60 -17.91
CA VAL D 578 -20.82 -20.89 -18.54
C VAL D 578 -20.01 -21.97 -17.78
N ARG D 579 -20.66 -23.12 -17.56
CA ARG D 579 -20.12 -24.27 -16.83
C ARG D 579 -18.63 -24.81 -17.18
N PRO D 580 -17.67 -24.75 -16.22
CA PRO D 580 -16.27 -25.13 -16.23
C PRO D 580 -15.71 -26.40 -17.24
#